data_8EVZ
#
_entry.id   8EVZ
#
_cell.length_a   90.664
_cell.length_b   199.046
_cell.length_c   177.084
_cell.angle_alpha   90.00
_cell.angle_beta   90.00
_cell.angle_gamma   90.00
#
_symmetry.space_group_name_H-M   'C 2 2 21'
#
loop_
_entity.id
_entity.type
_entity.pdbx_description
1 polymer 'D-alanine--D-alanine ligase B'
2 non-polymer 'MAGNESIUM ION'
3 non-polymer "ADENOSINE-5'-DIPHOSPHATE"
4 non-polymer '[(4R)-4-azanyl-4,5-dihydro-1,2-oxazol-3-yl] dihydrogen phosphate'
5 water water
#
_entity_poly.entity_id   1
_entity_poly.type   'polypeptide(L)'
_entity_poly.pdbx_seq_one_letter_code
;SMNLCLDSLLNGTQDPKAFGRVAVLFGGKSAEREVSLKSGAMVLQSLLAAGVDAFGIDVGEDLLQRLVEEKIDRAFIILH
GRGGEDGSMQGLLECAGIPYTGSGVLASALAMDKLRTKRVWLSLGLPTPDYAVLASEDDCREAAQRLGFPLIVKPAHEGS
SIGMAKVGGLDELIAAWREAARYDSQVLVEQWISGPEFTVATLRGQVLPAIRLGTPHTFYDYDAKYLASDTRYQVPCGLD
EAKERELKELTARACDALGIQGWGRADVMQDAEGRFWLLEVNTAPGMTDHSLVPMAARAAGLDFQQLVLAILADSREARG
;
_entity_poly.pdbx_strand_id   A,B,C
#
# COMPACT_ATOMS: atom_id res chain seq x y z
N CYS A 5 30.24 1.24 -17.94
CA CYS A 5 31.68 1.36 -17.70
C CYS A 5 32.07 1.15 -16.24
N LEU A 6 32.82 0.09 -15.99
CA LEU A 6 33.26 -0.24 -14.64
C LEU A 6 34.43 0.63 -14.20
N ASP A 7 35.14 1.26 -15.15
CA ASP A 7 36.15 2.25 -14.81
C ASP A 7 35.53 3.48 -14.15
N SER A 8 34.34 3.87 -14.59
CA SER A 8 33.72 5.09 -14.07
C SER A 8 33.21 4.88 -12.64
N LEU A 9 32.64 3.71 -12.37
CA LEU A 9 32.16 3.41 -11.02
C LEU A 9 33.26 3.43 -9.99
N LEU A 10 34.48 3.03 -10.37
CA LEU A 10 35.59 2.87 -9.44
C LEU A 10 36.41 4.16 -9.28
N ASN A 11 35.98 5.27 -9.87
CA ASN A 11 36.76 6.51 -9.82
C ASN A 11 36.62 7.18 -8.46
N GLY A 12 37.75 7.58 -7.89
CA GLY A 12 37.80 8.15 -6.56
C GLY A 12 37.79 7.14 -5.43
N THR A 13 37.96 5.85 -5.73
CA THR A 13 37.95 4.81 -4.73
C THR A 13 39.33 4.21 -4.47
N GLN A 14 40.37 4.73 -5.14
CA GLN A 14 41.69 4.11 -5.05
C GLN A 14 42.33 4.34 -3.69
N ASP A 15 42.09 5.49 -3.06
CA ASP A 15 42.72 5.84 -1.78
C ASP A 15 41.68 5.86 -0.67
N PRO A 16 41.61 4.84 0.19
CA PRO A 16 40.61 4.85 1.26
C PRO A 16 40.86 5.90 2.33
N LYS A 17 42.11 6.38 2.48
CA LYS A 17 42.40 7.41 3.47
C LYS A 17 41.97 8.80 3.03
N ALA A 18 41.72 9.00 1.74
CA ALA A 18 41.28 10.29 1.24
C ALA A 18 39.88 10.68 1.73
N PHE A 19 39.13 9.75 2.31
CA PHE A 19 37.79 10.06 2.78
C PHE A 19 37.77 10.60 4.21
N GLY A 20 38.89 10.55 4.92
CA GLY A 20 38.92 11.02 6.29
C GLY A 20 38.15 10.09 7.20
N ARG A 21 37.65 10.65 8.31
CA ARG A 21 36.87 9.86 9.25
C ARG A 21 35.42 9.79 8.79
N VAL A 22 34.92 8.58 8.61
CA VAL A 22 33.60 8.32 8.03
C VAL A 22 32.71 7.74 9.10
N ALA A 23 31.56 8.38 9.35
CA ALA A 23 30.58 7.90 10.31
C ALA A 23 29.49 7.13 9.56
N VAL A 24 29.30 5.87 9.93
CA VAL A 24 28.23 5.04 9.40
C VAL A 24 27.01 5.22 10.31
N LEU A 25 25.95 5.80 9.77
CA LEU A 25 24.72 6.06 10.51
C LEU A 25 23.73 4.94 10.22
N PHE A 26 23.30 4.24 11.26
CA PHE A 26 22.40 3.10 11.14
C PHE A 26 21.49 3.04 12.37
N GLY A 27 20.66 2.00 12.43
CA GLY A 27 19.76 1.81 13.55
C GLY A 27 18.47 2.61 13.41
N GLY A 28 18.37 3.70 14.15
CA GLY A 28 17.24 4.58 14.02
C GLY A 28 16.06 4.14 14.87
N LYS A 29 14.95 4.86 14.68
CA LYS A 29 13.73 4.61 15.45
C LYS A 29 12.58 4.14 14.58
N SER A 30 12.85 3.81 13.32
CA SER A 30 11.79 3.40 12.41
C SER A 30 11.47 1.91 12.59
N ALA A 31 10.38 1.48 11.98
CA ALA A 31 10.02 0.06 12.00
C ALA A 31 11.06 -0.82 11.33
N GLU A 32 11.98 -0.25 10.55
CA GLU A 32 13.01 -1.00 9.86
C GLU A 32 14.35 -0.99 10.59
N ARG A 33 14.33 -0.61 11.87
CA ARG A 33 15.57 -0.45 12.63
C ARG A 33 16.41 -1.73 12.64
N GLU A 34 15.76 -2.89 12.81
CA GLU A 34 16.50 -4.15 12.85
C GLU A 34 17.23 -4.41 11.53
N VAL A 35 16.58 -4.10 10.40
CA VAL A 35 17.25 -4.26 9.12
C VAL A 35 18.43 -3.29 9.03
N SER A 36 18.22 -2.04 9.46
CA SER A 36 19.29 -1.05 9.41
C SER A 36 20.48 -1.45 10.28
N LEU A 37 20.21 -2.13 11.39
CA LEU A 37 21.30 -2.62 12.23
C LEU A 37 22.17 -3.62 11.48
N LYS A 38 21.55 -4.55 10.76
CA LYS A 38 22.31 -5.48 9.94
C LYS A 38 23.03 -4.76 8.79
N SER A 39 22.34 -3.80 8.15
CA SER A 39 22.96 -3.04 7.07
C SER A 39 24.15 -2.23 7.56
N GLY A 40 24.01 -1.57 8.71
CA GLY A 40 25.13 -0.81 9.26
C GLY A 40 26.34 -1.68 9.56
N ALA A 41 26.10 -2.86 10.14
CA ALA A 41 27.19 -3.76 10.49
C ALA A 41 27.97 -4.20 9.26
N MET A 42 27.26 -4.47 8.15
CA MET A 42 27.94 -4.86 6.93
C MET A 42 28.74 -3.71 6.34
N VAL A 43 28.14 -2.53 6.24
CA VAL A 43 28.84 -1.38 5.69
C VAL A 43 30.07 -1.05 6.53
N LEU A 44 29.90 -1.00 7.86
CA LEU A 44 31.01 -0.66 8.74
C LEU A 44 32.17 -1.66 8.59
N GLN A 45 31.85 -2.96 8.65
CA GLN A 45 32.88 -3.98 8.55
C GLN A 45 33.62 -3.90 7.22
N SER A 46 32.89 -3.67 6.13
CA SER A 46 33.53 -3.57 4.82
C SER A 46 34.48 -2.38 4.76
N LEU A 47 34.01 -1.22 5.24
CA LEU A 47 34.82 -0.01 5.20
C LEU A 47 36.11 -0.20 6.01
N LEU A 48 36.01 -0.74 7.21
CA LEU A 48 37.20 -0.98 8.02
C LEU A 48 38.17 -1.89 7.28
N ALA A 49 37.65 -2.95 6.65
CA ALA A 49 38.51 -3.87 5.92
C ALA A 49 39.15 -3.21 4.70
N ALA A 50 38.51 -2.18 4.14
CA ALA A 50 39.08 -1.48 3.00
C ALA A 50 40.13 -0.45 3.41
N GLY A 51 40.34 -0.25 4.70
CA GLY A 51 41.25 0.78 5.16
C GLY A 51 40.65 2.14 5.35
N VAL A 52 39.32 2.27 5.33
CA VAL A 52 38.65 3.53 5.63
C VAL A 52 38.62 3.71 7.15
N ASP A 53 38.87 4.94 7.60
CA ASP A 53 38.79 5.28 9.02
C ASP A 53 37.33 5.46 9.40
N ALA A 54 36.64 4.33 9.59
CA ALA A 54 35.20 4.31 9.78
C ALA A 54 34.83 3.96 11.21
N PHE A 55 33.66 4.47 11.65
CA PHE A 55 33.05 4.10 12.92
C PHE A 55 31.55 4.22 12.78
N GLY A 56 30.83 3.56 13.68
CA GLY A 56 29.38 3.47 13.62
C GLY A 56 28.69 4.36 14.63
N ILE A 57 27.51 4.85 14.28
CA ILE A 57 26.64 5.57 15.19
C ILE A 57 25.26 4.93 15.11
N ASP A 58 24.77 4.42 16.24
CA ASP A 58 23.38 3.97 16.34
C ASP A 58 22.52 5.20 16.59
N VAL A 59 21.74 5.60 15.57
CA VAL A 59 20.95 6.83 15.64
C VAL A 59 19.83 6.64 16.64
N GLY A 60 19.79 7.48 17.66
CA GLY A 60 18.76 7.46 18.69
C GLY A 60 18.56 8.84 19.23
N GLU A 61 17.95 8.93 20.41
CA GLU A 61 17.83 10.20 21.13
C GLU A 61 19.19 10.84 21.44
N ASP A 62 20.28 10.15 21.13
CA ASP A 62 21.66 10.52 21.41
C ASP A 62 22.30 11.34 20.29
N LEU A 63 21.61 11.46 19.15
CA LEU A 63 22.25 11.80 17.89
C LEU A 63 23.06 13.09 17.96
N LEU A 64 22.42 14.17 18.43
CA LEU A 64 23.09 15.47 18.38
C LEU A 64 24.31 15.52 19.27
N GLN A 65 24.27 14.84 20.42
CA GLN A 65 25.43 14.81 21.30
C GLN A 65 26.60 14.09 20.64
N ARG A 66 26.33 12.98 19.97
CA ARG A 66 27.40 12.27 19.26
C ARG A 66 28.01 13.14 18.16
N LEU A 67 27.19 13.91 17.47
CA LEU A 67 27.69 14.68 16.33
C LEU A 67 28.57 15.85 16.78
N VAL A 68 28.35 16.37 17.99
CA VAL A 68 29.23 17.42 18.49
C VAL A 68 30.50 16.84 19.12
N GLU A 69 30.51 15.55 19.45
CA GLU A 69 31.68 14.87 20.02
C GLU A 69 32.62 14.34 18.94
N GLU A 70 32.09 13.60 17.98
CA GLU A 70 32.91 12.90 17.02
C GLU A 70 33.35 13.83 15.90
N LYS A 71 34.60 13.68 15.48
CA LYS A 71 35.05 14.34 14.27
C LYS A 71 34.61 13.51 13.07
N ILE A 72 33.99 14.17 12.08
CA ILE A 72 33.41 13.48 10.94
C ILE A 72 33.69 14.30 9.69
N ASP A 73 34.38 13.70 8.72
CA ASP A 73 34.56 14.32 7.42
C ASP A 73 33.46 13.93 6.44
N ARG A 74 32.75 12.84 6.70
CA ARG A 74 31.76 12.33 5.76
C ARG A 74 30.89 11.32 6.49
N ALA A 75 29.61 11.27 6.11
CA ALA A 75 28.66 10.35 6.70
C ALA A 75 28.13 9.39 5.65
N PHE A 76 28.14 8.10 5.97
CA PHE A 76 27.54 7.06 5.14
C PHE A 76 26.16 6.76 5.72
N ILE A 77 25.11 7.26 5.07
CA ILE A 77 23.75 7.03 5.55
C ILE A 77 23.28 5.65 5.12
N ILE A 78 23.04 4.79 6.09
CA ILE A 78 22.48 3.47 5.83
C ILE A 78 21.35 3.24 6.82
N LEU A 79 20.62 4.30 7.15
CA LEU A 79 19.34 4.18 7.84
C LEU A 79 18.26 3.77 6.85
N HIS A 80 17.22 3.13 7.37
CA HIS A 80 16.09 2.68 6.56
C HIS A 80 14.80 3.27 7.10
N GLY A 81 13.96 3.77 6.21
CA GLY A 81 12.66 4.27 6.59
C GLY A 81 12.68 5.71 7.09
N ARG A 82 11.55 6.10 7.64
CA ARG A 82 11.39 7.47 8.11
C ARG A 82 12.42 7.79 9.19
N GLY A 83 12.90 9.03 9.19
CA GLY A 83 14.04 9.42 9.99
C GLY A 83 15.39 9.09 9.37
N GLY A 84 15.40 8.40 8.23
CA GLY A 84 16.65 7.99 7.60
C GLY A 84 16.73 8.30 6.11
N GLU A 85 15.75 7.80 5.34
CA GLU A 85 15.70 8.06 3.90
C GLU A 85 14.65 9.09 3.52
N ASP A 86 14.11 9.85 4.47
CA ASP A 86 13.02 10.77 4.18
C ASP A 86 13.48 12.21 4.08
N GLY A 87 14.79 12.44 3.99
CA GLY A 87 15.34 13.78 3.94
C GLY A 87 15.57 14.42 5.28
N SER A 88 15.06 13.84 6.37
CA SER A 88 15.27 14.43 7.69
C SER A 88 16.73 14.34 8.11
N MET A 89 17.33 13.15 8.00
CA MET A 89 18.75 13.01 8.34
C MET A 89 19.63 13.81 7.37
N GLN A 90 19.27 13.80 6.09
CA GLN A 90 20.00 14.59 5.11
C GLN A 90 19.97 16.07 5.49
N GLY A 91 18.82 16.56 5.95
CA GLY A 91 18.71 17.96 6.33
C GLY A 91 19.56 18.31 7.53
N LEU A 92 19.58 17.42 8.54
CA LEU A 92 20.43 17.64 9.70
C LEU A 92 21.90 17.72 9.31
N LEU A 93 22.33 16.82 8.42
CA LEU A 93 23.75 16.79 8.05
C LEU A 93 24.14 18.06 7.31
N GLU A 94 23.24 18.61 6.48
CA GLU A 94 23.55 19.85 5.80
C GLU A 94 23.61 21.02 6.76
N CYS A 95 22.76 21.02 7.79
CA CYS A 95 22.88 22.03 8.84
C CYS A 95 24.18 21.87 9.61
N ALA A 96 24.59 20.63 9.87
CA ALA A 96 25.82 20.36 10.60
C ALA A 96 27.08 20.61 9.76
N GLY A 97 26.94 20.74 8.45
CA GLY A 97 28.09 20.90 7.59
C GLY A 97 28.83 19.61 7.30
N ILE A 98 28.14 18.48 7.34
CA ILE A 98 28.74 17.16 7.12
C ILE A 98 28.27 16.65 5.77
N PRO A 99 29.16 16.43 4.80
CA PRO A 99 28.75 15.80 3.55
C PRO A 99 28.38 14.34 3.77
N TYR A 100 27.47 13.84 2.93
CA TYR A 100 26.84 12.55 3.15
C TYR A 100 26.58 11.86 1.81
N THR A 101 26.23 10.58 1.89
CA THR A 101 25.96 9.76 0.72
C THR A 101 24.49 9.79 0.33
N GLY A 102 24.22 9.41 -0.92
CA GLY A 102 22.86 9.21 -1.37
C GLY A 102 22.17 10.48 -1.83
N SER A 103 20.85 10.37 -1.97
CA SER A 103 20.05 11.47 -2.48
C SER A 103 19.98 12.60 -1.46
N GLY A 104 19.58 13.78 -1.95
CA GLY A 104 19.47 14.96 -1.12
C GLY A 104 18.15 15.02 -0.37
N VAL A 105 17.91 16.19 0.22
CA VAL A 105 16.73 16.37 1.07
C VAL A 105 15.45 16.17 0.26
N LEU A 106 15.33 16.89 -0.86
CA LEU A 106 14.09 16.83 -1.64
C LEU A 106 13.87 15.44 -2.21
N ALA A 107 14.90 14.87 -2.84
CA ALA A 107 14.75 13.56 -3.48
C ALA A 107 14.41 12.48 -2.46
N SER A 108 15.05 12.52 -1.28
CA SER A 108 14.77 11.50 -0.26
C SER A 108 13.34 11.62 0.26
N ALA A 109 12.92 12.84 0.63
CA ALA A 109 11.55 13.05 1.07
C ALA A 109 10.56 12.62 0.01
N LEU A 110 10.86 12.87 -1.26
CA LEU A 110 9.95 12.50 -2.32
C LEU A 110 9.88 10.98 -2.48
N ALA A 111 11.04 10.33 -2.55
CA ALA A 111 11.04 8.87 -2.77
C ALA A 111 10.47 8.12 -1.58
N MET A 112 10.55 8.68 -0.38
CA MET A 112 9.98 8.01 0.78
C MET A 112 8.46 7.96 0.71
N ASP A 113 7.85 8.94 0.03
CA ASP A 113 6.40 9.07 -0.07
C ASP A 113 5.94 8.36 -1.34
N LYS A 114 5.39 7.16 -1.17
CA LYS A 114 4.99 6.37 -2.34
C LYS A 114 3.90 7.06 -3.16
N LEU A 115 3.05 7.85 -2.51
CA LEU A 115 1.96 8.50 -3.23
C LEU A 115 2.49 9.62 -4.13
N ARG A 116 3.24 10.56 -3.54
CA ARG A 116 3.79 11.65 -4.36
C ARG A 116 4.75 11.12 -5.43
N THR A 117 5.49 10.05 -5.11
CA THR A 117 6.35 9.42 -6.10
C THR A 117 5.54 8.89 -7.28
N LYS A 118 4.43 8.21 -6.99
CA LYS A 118 3.54 7.75 -8.06
C LYS A 118 2.96 8.92 -8.83
N ARG A 119 2.60 10.01 -8.14
CA ARG A 119 2.04 11.16 -8.82
C ARG A 119 3.08 11.81 -9.73
N VAL A 120 4.34 11.85 -9.29
CA VAL A 120 5.41 12.38 -10.14
C VAL A 120 5.57 11.51 -11.38
N TRP A 121 5.48 10.19 -11.20
CA TRP A 121 5.63 9.28 -12.34
C TRP A 121 4.46 9.43 -13.31
N LEU A 122 3.23 9.50 -12.78
CA LEU A 122 2.07 9.65 -13.65
C LEU A 122 2.16 10.92 -14.48
N SER A 123 2.57 12.03 -13.86
CA SER A 123 2.67 13.30 -14.57
C SER A 123 3.66 13.27 -15.73
N LEU A 124 4.63 12.35 -15.71
CA LEU A 124 5.57 12.19 -16.80
C LEU A 124 5.20 11.02 -17.70
N GLY A 125 4.02 10.45 -17.52
CA GLY A 125 3.62 9.31 -18.33
C GLY A 125 4.43 8.06 -18.11
N LEU A 126 4.93 7.84 -16.88
CA LEU A 126 5.61 6.58 -16.61
C LEU A 126 4.64 5.57 -16.01
N PRO A 127 4.75 4.30 -16.35
CA PRO A 127 3.76 3.31 -15.87
C PRO A 127 3.95 3.00 -14.40
N THR A 128 2.82 2.92 -13.69
CA THR A 128 2.77 2.58 -12.28
C THR A 128 1.34 2.12 -11.99
N PRO A 129 1.14 1.12 -11.14
CA PRO A 129 -0.20 0.52 -11.00
C PRO A 129 -1.25 1.54 -10.59
N ASP A 130 -2.46 1.36 -11.11
CA ASP A 130 -3.59 2.17 -10.69
C ASP A 130 -3.91 1.91 -9.22
N TYR A 131 -4.38 2.95 -8.54
CA TYR A 131 -4.37 2.95 -7.08
C TYR A 131 -5.55 3.76 -6.55
N ALA A 132 -5.68 3.75 -5.23
CA ALA A 132 -6.62 4.60 -4.51
C ALA A 132 -6.02 4.94 -3.16
N VAL A 133 -6.46 6.06 -2.60
CA VAL A 133 -6.05 6.48 -1.26
C VAL A 133 -7.13 6.04 -0.28
N LEU A 134 -6.74 5.36 0.79
CA LEU A 134 -7.67 4.77 1.74
C LEU A 134 -7.57 5.52 3.07
N ALA A 135 -8.65 6.21 3.43
CA ALA A 135 -8.76 6.86 4.72
C ALA A 135 -10.02 6.48 5.47
N SER A 136 -10.87 5.62 4.90
CA SER A 136 -12.14 5.26 5.51
C SER A 136 -12.63 3.96 4.87
N GLU A 137 -13.64 3.35 5.50
CA GLU A 137 -14.24 2.17 4.93
C GLU A 137 -14.90 2.47 3.59
N ASP A 138 -15.46 3.67 3.42
CA ASP A 138 -16.05 4.06 2.15
C ASP A 138 -14.98 4.13 1.05
N ASP A 139 -13.80 4.65 1.39
CA ASP A 139 -12.68 4.64 0.44
C ASP A 139 -12.37 3.22 -0.01
N CYS A 140 -12.38 2.27 0.93
CA CYS A 140 -12.17 0.87 0.58
C CYS A 140 -13.23 0.38 -0.41
N ARG A 141 -14.50 0.73 -0.15
CA ARG A 141 -15.58 0.26 -1.02
C ARG A 141 -15.46 0.87 -2.42
N GLU A 142 -15.16 2.17 -2.49
CA GLU A 142 -14.95 2.80 -3.79
C GLU A 142 -13.81 2.13 -4.55
N ALA A 143 -12.71 1.85 -3.86
CA ALA A 143 -11.56 1.24 -4.53
C ALA A 143 -11.90 -0.17 -5.01
N ALA A 144 -12.63 -0.93 -4.19
CA ALA A 144 -13.00 -2.28 -4.57
C ALA A 144 -13.84 -2.29 -5.84
N GLN A 145 -14.75 -1.33 -5.98
CA GLN A 145 -15.60 -1.27 -7.16
C GLN A 145 -14.80 -0.89 -8.40
N ARG A 146 -13.93 0.11 -8.29
CA ARG A 146 -13.21 0.59 -9.46
C ARG A 146 -12.05 -0.30 -9.84
N LEU A 147 -11.30 -0.81 -8.86
CA LEU A 147 -10.04 -1.49 -9.16
C LEU A 147 -10.20 -3.00 -9.29
N GLY A 148 -11.18 -3.61 -8.63
CA GLY A 148 -11.32 -5.05 -8.69
C GLY A 148 -10.41 -5.74 -7.68
N PHE A 149 -10.17 -7.02 -7.92
CA PHE A 149 -9.39 -7.84 -7.01
C PHE A 149 -8.55 -8.84 -7.79
N PRO A 150 -7.41 -9.29 -7.24
CA PRO A 150 -6.84 -8.93 -5.93
C PRO A 150 -6.22 -7.53 -5.90
N LEU A 151 -5.89 -7.05 -4.70
CA LEU A 151 -5.24 -5.77 -4.51
C LEU A 151 -4.11 -5.95 -3.50
N ILE A 152 -3.24 -4.96 -3.42
CA ILE A 152 -2.18 -4.94 -2.41
C ILE A 152 -2.22 -3.59 -1.70
N VAL A 153 -2.22 -3.64 -0.37
CA VAL A 153 -2.33 -2.45 0.48
C VAL A 153 -0.97 -2.18 1.09
N LYS A 154 -0.60 -0.90 1.16
CA LYS A 154 0.69 -0.55 1.75
C LYS A 154 0.59 0.83 2.38
N PRO A 155 1.31 1.07 3.48
CA PRO A 155 1.48 2.43 3.96
C PRO A 155 2.26 3.25 2.95
N ALA A 156 2.14 4.57 3.08
CA ALA A 156 2.80 5.44 2.10
C ALA A 156 4.30 5.55 2.36
N HIS A 157 4.72 5.54 3.62
CA HIS A 157 6.09 5.88 3.99
C HIS A 157 6.82 4.73 4.68
N GLU A 158 6.53 3.48 4.33
CA GLU A 158 7.21 2.36 4.95
C GLU A 158 8.12 1.66 3.95
N GLY A 159 8.88 0.68 4.48
CA GLY A 159 9.72 -0.17 3.67
C GLY A 159 9.73 -1.59 4.22
N SER A 160 10.49 -2.46 3.56
CA SER A 160 10.64 -3.86 3.97
C SER A 160 9.31 -4.61 4.00
N SER A 161 8.34 -4.14 3.21
CA SER A 161 7.00 -4.72 3.13
C SER A 161 6.25 -4.65 4.46
N ILE A 162 6.68 -3.75 5.35
CA ILE A 162 6.04 -3.62 6.65
C ILE A 162 4.66 -3.00 6.49
N GLY A 163 3.65 -3.63 7.10
CA GLY A 163 2.30 -3.13 7.03
C GLY A 163 1.58 -3.45 5.73
N MET A 164 2.11 -4.36 4.92
CA MET A 164 1.52 -4.66 3.62
C MET A 164 0.79 -5.99 3.62
N ALA A 165 -0.17 -6.10 2.69
CA ALA A 165 -0.94 -7.33 2.51
C ALA A 165 -1.57 -7.32 1.13
N LYS A 166 -1.51 -8.47 0.46
CA LYS A 166 -2.35 -8.72 -0.70
C LYS A 166 -3.72 -9.21 -0.23
N VAL A 167 -4.77 -8.68 -0.84
CA VAL A 167 -6.14 -8.98 -0.43
C VAL A 167 -6.95 -9.42 -1.65
N GLY A 168 -7.81 -10.42 -1.45
CA GLY A 168 -8.57 -10.98 -2.55
C GLY A 168 -10.06 -10.69 -2.47
N GLY A 169 -10.48 -9.98 -1.42
CA GLY A 169 -11.88 -9.63 -1.25
C GLY A 169 -12.02 -8.36 -0.44
N LEU A 170 -13.26 -7.86 -0.40
CA LEU A 170 -13.51 -6.57 0.25
C LEU A 170 -13.32 -6.65 1.76
N ASP A 171 -13.66 -7.80 2.37
CA ASP A 171 -13.55 -7.91 3.82
C ASP A 171 -12.10 -7.79 4.28
N GLU A 172 -11.17 -8.45 3.58
CA GLU A 172 -9.77 -8.35 3.95
C GLU A 172 -9.14 -7.05 3.46
N LEU A 173 -9.75 -6.38 2.48
CA LEU A 173 -9.29 -5.04 2.11
C LEU A 173 -9.36 -4.10 3.30
N ILE A 174 -10.51 -4.07 3.99
CA ILE A 174 -10.69 -3.15 5.10
C ILE A 174 -9.78 -3.54 6.26
N ALA A 175 -9.63 -4.85 6.50
CA ALA A 175 -8.72 -5.30 7.55
C ALA A 175 -7.29 -4.89 7.24
N ALA A 176 -6.89 -5.00 5.97
CA ALA A 176 -5.54 -4.60 5.58
C ALA A 176 -5.36 -3.10 5.70
N TRP A 177 -6.42 -2.31 5.47
CA TRP A 177 -6.31 -0.87 5.58
C TRP A 177 -6.07 -0.44 7.02
N ARG A 178 -6.75 -1.09 7.98
CA ARG A 178 -6.58 -0.72 9.38
C ARG A 178 -5.21 -1.12 9.90
N GLU A 179 -4.71 -2.28 9.46
CA GLU A 179 -3.37 -2.69 9.87
C GLU A 179 -2.32 -1.75 9.30
N ALA A 180 -2.47 -1.36 8.03
CA ALA A 180 -1.53 -0.43 7.41
C ALA A 180 -1.62 0.96 8.03
N ALA A 181 -2.80 1.35 8.54
CA ALA A 181 -2.95 2.64 9.18
C ALA A 181 -2.30 2.70 10.55
N ARG A 182 -1.95 1.55 11.13
CA ARG A 182 -1.18 1.55 12.37
C ARG A 182 0.22 2.10 12.17
N TYR A 183 0.74 2.02 10.95
CA TYR A 183 2.07 2.54 10.63
C TYR A 183 2.04 3.91 9.99
N ASP A 184 0.94 4.29 9.36
CA ASP A 184 0.87 5.55 8.62
C ASP A 184 -0.59 5.89 8.31
N SER A 185 -1.01 7.11 8.64
CA SER A 185 -2.34 7.56 8.27
C SER A 185 -2.49 7.65 6.75
N GLN A 186 -1.38 7.78 6.03
CA GLN A 186 -1.39 7.73 4.57
C GLN A 186 -1.28 6.28 4.13
N VAL A 187 -2.36 5.76 3.53
CA VAL A 187 -2.42 4.38 3.08
C VAL A 187 -2.93 4.37 1.65
N LEU A 188 -2.27 3.62 0.78
CA LEU A 188 -2.72 3.43 -0.59
C LEU A 188 -2.98 1.95 -0.83
N VAL A 189 -3.60 1.66 -1.99
CA VAL A 189 -3.84 0.31 -2.44
C VAL A 189 -3.71 0.29 -3.95
N GLU A 190 -3.07 -0.75 -4.48
CA GLU A 190 -2.77 -0.84 -5.90
C GLU A 190 -3.42 -2.09 -6.49
N GLN A 191 -3.63 -2.07 -7.80
CA GLN A 191 -4.01 -3.29 -8.49
C GLN A 191 -2.86 -4.28 -8.44
N TRP A 192 -3.18 -5.54 -8.11
CA TRP A 192 -2.15 -6.56 -8.03
C TRP A 192 -1.66 -6.90 -9.43
N ILE A 193 -0.36 -6.80 -9.64
CA ILE A 193 0.24 -7.18 -10.92
C ILE A 193 0.66 -8.64 -10.81
N SER A 194 0.09 -9.48 -11.67
CA SER A 194 0.38 -10.91 -11.70
C SER A 194 1.44 -11.14 -12.76
N GLY A 195 2.65 -11.50 -12.34
CA GLY A 195 3.74 -11.73 -13.25
C GLY A 195 5.08 -11.61 -12.56
N PRO A 196 6.16 -11.63 -13.35
CA PRO A 196 7.50 -11.61 -12.77
C PRO A 196 7.75 -10.32 -11.99
N GLU A 197 8.51 -10.46 -10.91
CA GLU A 197 8.97 -9.31 -10.13
C GLU A 197 10.46 -9.07 -10.39
N PHE A 198 10.82 -7.80 -10.49
CA PHE A 198 12.21 -7.41 -10.68
C PHE A 198 12.59 -6.33 -9.69
N THR A 199 13.89 -6.24 -9.40
CA THR A 199 14.47 -5.08 -8.74
C THR A 199 15.70 -4.66 -9.53
N VAL A 200 15.92 -3.36 -9.62
CA VAL A 200 16.94 -2.79 -10.51
C VAL A 200 17.73 -1.77 -9.70
N ALA A 201 18.98 -2.10 -9.40
CA ALA A 201 19.84 -1.16 -8.67
C ALA A 201 20.44 -0.14 -9.62
N THR A 202 20.70 1.05 -9.09
CA THR A 202 21.41 2.10 -9.82
C THR A 202 22.55 2.61 -8.96
N LEU A 203 23.68 2.91 -9.61
CA LEU A 203 24.90 3.26 -8.87
C LEU A 203 25.66 4.32 -9.67
N ARG A 204 25.88 5.48 -9.05
CA ARG A 204 26.64 6.57 -9.66
C ARG A 204 26.10 6.94 -11.04
N GLY A 205 24.77 6.92 -11.17
CA GLY A 205 24.11 7.21 -12.42
C GLY A 205 24.04 6.09 -13.42
N GLN A 206 24.54 4.89 -13.07
CA GLN A 206 24.54 3.75 -13.96
C GLN A 206 23.58 2.69 -13.46
N VAL A 207 22.79 2.11 -14.37
CA VAL A 207 21.85 1.06 -14.04
C VAL A 207 22.58 -0.27 -14.01
N LEU A 208 22.47 -1.00 -12.90
CA LEU A 208 23.11 -2.29 -12.73
C LEU A 208 22.20 -3.39 -13.27
N PRO A 209 22.71 -4.62 -13.43
CA PRO A 209 21.86 -5.71 -13.93
C PRO A 209 20.63 -5.93 -13.07
N ALA A 210 19.52 -6.23 -13.73
CA ALA A 210 18.26 -6.47 -13.05
C ALA A 210 18.24 -7.86 -12.43
N ILE A 211 17.45 -8.01 -11.37
CA ILE A 211 17.31 -9.26 -10.62
C ILE A 211 15.84 -9.67 -10.65
N ARG A 212 15.60 -10.98 -10.80
CA ARG A 212 14.26 -11.54 -10.74
C ARG A 212 14.05 -12.17 -9.37
N LEU A 213 12.90 -11.86 -8.75
CA LEU A 213 12.62 -12.28 -7.39
C LEU A 213 11.40 -13.19 -7.35
N GLY A 214 11.48 -14.22 -6.53
CA GLY A 214 10.36 -15.12 -6.31
C GLY A 214 10.39 -15.65 -4.89
N THR A 215 9.22 -16.00 -4.38
CA THR A 215 9.10 -16.56 -3.04
C THR A 215 7.84 -17.39 -2.99
N PRO A 216 7.79 -18.40 -2.11
CA PRO A 216 6.51 -19.13 -1.92
C PRO A 216 5.43 -18.24 -1.33
N HIS A 217 5.79 -17.18 -0.62
CA HIS A 217 4.83 -16.30 -0.01
C HIS A 217 3.98 -15.60 -1.08
N THR A 218 2.83 -15.08 -0.64
CA THR A 218 1.91 -14.43 -1.58
C THR A 218 2.55 -13.22 -2.24
N PHE A 219 3.46 -12.55 -1.55
CA PHE A 219 4.28 -11.52 -2.16
C PHE A 219 5.62 -11.48 -1.44
N TYR A 220 6.52 -10.63 -1.92
CA TYR A 220 7.86 -10.48 -1.37
C TYR A 220 7.76 -9.71 -0.05
N ASP A 221 7.29 -10.41 0.99
CA ASP A 221 6.95 -9.75 2.24
C ASP A 221 8.16 -9.72 3.15
N TYR A 222 7.96 -9.28 4.40
CA TYR A 222 9.08 -9.11 5.31
C TYR A 222 9.78 -10.45 5.59
N ASP A 223 9.01 -11.51 5.79
CA ASP A 223 9.61 -12.82 6.05
C ASP A 223 10.42 -13.30 4.85
N ALA A 224 9.87 -13.15 3.64
CA ALA A 224 10.57 -13.56 2.43
C ALA A 224 11.82 -12.72 2.17
N LYS A 225 11.95 -11.57 2.82
CA LYS A 225 13.08 -10.68 2.60
C LYS A 225 14.25 -10.96 3.56
N TYR A 226 13.95 -11.38 4.79
CA TYR A 226 14.99 -11.45 5.80
C TYR A 226 14.97 -12.71 6.66
N LEU A 227 13.98 -13.60 6.54
CA LEU A 227 13.91 -14.76 7.40
C LEU A 227 13.86 -16.08 6.64
N ALA A 228 13.07 -16.15 5.58
CA ALA A 228 12.93 -17.40 4.85
C ALA A 228 14.23 -17.76 4.13
N SER A 229 14.40 -19.05 3.88
CA SER A 229 15.59 -19.58 3.22
C SER A 229 15.36 -19.95 1.76
N ASP A 230 14.12 -19.83 1.27
CA ASP A 230 13.77 -20.29 -0.06
C ASP A 230 13.39 -19.15 -1.01
N THR A 231 13.76 -17.91 -0.69
CA THR A 231 13.58 -16.84 -1.66
C THR A 231 14.49 -17.06 -2.85
N ARG A 232 13.98 -16.79 -4.05
CA ARG A 232 14.70 -17.06 -5.30
C ARG A 232 15.21 -15.76 -5.90
N TYR A 233 16.49 -15.75 -6.30
CA TYR A 233 17.15 -14.59 -6.88
C TYR A 233 17.77 -15.00 -8.21
N GLN A 234 17.38 -14.32 -9.28
CA GLN A 234 17.82 -14.67 -10.64
C GLN A 234 18.61 -13.49 -11.23
N VAL A 235 19.93 -13.66 -11.35
CA VAL A 235 20.77 -12.76 -12.11
C VAL A 235 21.70 -13.62 -12.95
N PRO A 236 21.63 -13.57 -14.29
CA PRO A 236 20.75 -12.72 -15.11
C PRO A 236 19.29 -13.12 -15.01
N CYS A 237 18.38 -12.15 -15.12
CA CYS A 237 16.98 -12.47 -15.30
C CYS A 237 16.75 -12.99 -16.73
N GLY A 238 15.66 -13.72 -16.90
CA GLY A 238 15.41 -14.38 -18.17
C GLY A 238 14.95 -13.47 -19.28
N LEU A 239 15.03 -12.16 -19.08
CA LEU A 239 14.64 -11.22 -20.11
C LEU A 239 15.68 -11.20 -21.23
N ASP A 240 15.21 -10.95 -22.45
CA ASP A 240 16.11 -10.80 -23.59
C ASP A 240 16.78 -9.43 -23.52
N GLU A 241 17.68 -9.17 -24.47
CA GLU A 241 18.45 -7.93 -24.45
C GLU A 241 17.55 -6.71 -24.64
N ALA A 242 16.60 -6.79 -25.56
CA ALA A 242 15.74 -5.64 -25.81
C ALA A 242 14.83 -5.35 -24.62
N LYS A 243 14.38 -6.40 -23.92
CA LYS A 243 13.47 -6.19 -22.80
C LYS A 243 14.21 -5.76 -21.54
N GLU A 244 15.43 -6.28 -21.31
CA GLU A 244 16.18 -5.83 -20.16
C GLU A 244 16.70 -4.41 -20.36
N ARG A 245 17.10 -4.05 -21.58
CA ARG A 245 17.44 -2.66 -21.86
C ARG A 245 16.25 -1.75 -21.61
N GLU A 246 15.07 -2.17 -22.07
CA GLU A 246 13.84 -1.43 -21.78
C GLU A 246 13.64 -1.26 -20.28
N LEU A 247 13.88 -2.33 -19.50
CA LEU A 247 13.72 -2.24 -18.06
C LEU A 247 14.76 -1.31 -17.44
N LYS A 248 16.02 -1.41 -17.87
CA LYS A 248 17.07 -0.53 -17.35
C LYS A 248 16.78 0.93 -17.68
N GLU A 249 16.31 1.20 -18.91
CA GLU A 249 16.03 2.58 -19.31
C GLU A 249 14.85 3.16 -18.55
N LEU A 250 13.81 2.36 -18.31
CA LEU A 250 12.68 2.84 -17.53
C LEU A 250 13.09 3.13 -16.09
N THR A 251 13.97 2.30 -15.53
CA THR A 251 14.52 2.58 -14.20
C THR A 251 15.25 3.91 -14.18
N ALA A 252 16.07 4.19 -15.19
CA ALA A 252 16.79 5.44 -15.26
C ALA A 252 15.85 6.63 -15.27
N ARG A 253 14.81 6.56 -16.11
CA ARG A 253 13.82 7.64 -16.14
C ARG A 253 13.10 7.78 -14.80
N ALA A 254 12.74 6.64 -14.19
CA ALA A 254 12.00 6.69 -12.93
C ALA A 254 12.85 7.24 -11.78
N CYS A 255 14.17 6.98 -11.79
CA CYS A 255 15.02 7.52 -10.76
C CYS A 255 15.34 8.99 -11.01
N ASP A 256 15.65 9.34 -12.27
CA ASP A 256 15.92 10.74 -12.60
C ASP A 256 14.69 11.61 -12.38
N ALA A 257 13.50 11.04 -12.51
CA ALA A 257 12.27 11.78 -12.26
C ALA A 257 12.17 12.22 -10.80
N LEU A 258 12.87 11.53 -9.90
CA LEU A 258 12.82 11.85 -8.48
C LEU A 258 14.03 12.61 -7.99
N GLY A 259 15.04 12.80 -8.84
CA GLY A 259 16.28 13.42 -8.41
C GLY A 259 17.22 12.50 -7.69
N ILE A 260 17.09 11.17 -7.86
CA ILE A 260 17.92 10.22 -7.14
C ILE A 260 19.38 10.44 -7.48
N GLN A 261 20.23 10.41 -6.45
CA GLN A 261 21.64 10.70 -6.58
C GLN A 261 22.45 9.65 -5.84
N GLY A 262 23.61 9.28 -6.40
CA GLY A 262 24.51 8.37 -5.72
C GLY A 262 24.18 6.91 -5.97
N TRP A 263 23.07 6.44 -5.41
CA TRP A 263 22.65 5.06 -5.62
C TRP A 263 21.17 4.95 -5.25
N GLY A 264 20.62 3.77 -5.51
CA GLY A 264 19.22 3.51 -5.24
C GLY A 264 18.81 2.18 -5.82
N ARG A 265 17.57 1.79 -5.54
CA ARG A 265 17.06 0.49 -6.01
C ARG A 265 15.57 0.64 -6.31
N ALA A 266 15.19 0.33 -7.54
CA ALA A 266 13.82 0.45 -8.00
C ALA A 266 13.17 -0.93 -8.07
N ASP A 267 11.94 -1.03 -7.58
CA ASP A 267 11.17 -2.27 -7.62
C ASP A 267 10.13 -2.18 -8.74
N VAL A 268 10.11 -3.19 -9.61
CA VAL A 268 9.31 -3.14 -10.83
C VAL A 268 8.59 -4.47 -11.01
N MET A 269 7.28 -4.42 -11.30
CA MET A 269 6.50 -5.59 -11.66
C MET A 269 6.32 -5.66 -13.17
N GLN A 270 6.13 -6.88 -13.68
CA GLN A 270 5.83 -7.12 -15.09
C GLN A 270 4.53 -7.90 -15.20
N ASP A 271 3.58 -7.39 -15.97
CA ASP A 271 2.29 -8.04 -16.09
C ASP A 271 2.35 -9.17 -17.12
N ALA A 272 1.22 -9.86 -17.29
CA ALA A 272 1.16 -11.04 -18.16
C ALA A 272 1.43 -10.73 -19.63
N GLU A 273 1.43 -9.46 -20.02
CA GLU A 273 1.66 -9.08 -21.41
C GLU A 273 3.04 -8.46 -21.63
N GLY A 274 3.90 -8.46 -20.62
CA GLY A 274 5.25 -7.97 -20.73
C GLY A 274 5.46 -6.54 -20.26
N ARG A 275 4.39 -5.76 -20.10
CA ARG A 275 4.52 -4.37 -19.71
C ARG A 275 5.07 -4.25 -18.28
N PHE A 276 5.93 -3.25 -18.08
CA PHE A 276 6.57 -3.02 -16.80
C PHE A 276 5.80 -1.99 -16.00
N TRP A 277 5.75 -2.17 -14.69
CA TRP A 277 5.02 -1.30 -13.77
C TRP A 277 5.95 -0.91 -12.63
N LEU A 278 6.13 0.38 -12.42
CA LEU A 278 7.00 0.87 -11.36
C LEU A 278 6.27 0.85 -10.02
N LEU A 279 6.95 0.34 -9.00
CA LEU A 279 6.39 0.28 -7.65
C LEU A 279 6.94 1.40 -6.76
N GLU A 280 8.25 1.46 -6.61
CA GLU A 280 8.87 2.39 -5.67
C GLU A 280 10.36 2.50 -5.99
N VAL A 281 11.00 3.46 -5.34
CA VAL A 281 12.44 3.64 -5.36
C VAL A 281 12.90 3.84 -3.93
N ASN A 282 13.93 3.12 -3.52
CA ASN A 282 14.52 3.25 -2.19
C ASN A 282 15.86 3.97 -2.29
N THR A 283 16.02 5.03 -1.49
CA THR A 283 17.19 5.90 -1.55
C THR A 283 18.33 5.47 -0.65
N ALA A 284 18.10 4.56 0.30
CA ALA A 284 19.16 3.96 1.10
C ALA A 284 18.93 2.45 1.15
N PRO A 285 19.21 1.74 0.05
CA PRO A 285 18.82 0.34 -0.04
C PRO A 285 19.53 -0.53 1.00
N GLY A 286 18.91 -1.67 1.28
CA GLY A 286 19.48 -2.57 2.26
C GLY A 286 20.85 -3.06 1.86
N MET A 287 21.69 -3.28 2.87
CA MET A 287 23.04 -3.81 2.65
C MET A 287 23.31 -5.04 3.51
N THR A 288 22.26 -5.74 3.95
CA THR A 288 22.42 -6.98 4.69
C THR A 288 22.87 -8.09 3.74
N ASP A 289 23.16 -9.26 4.31
CA ASP A 289 23.51 -10.42 3.51
C ASP A 289 22.34 -10.97 2.70
N HIS A 290 21.11 -10.54 3.01
CA HIS A 290 19.92 -10.87 2.23
C HIS A 290 19.58 -9.81 1.20
N SER A 291 20.43 -8.80 1.03
CA SER A 291 20.07 -7.59 0.30
C SER A 291 20.45 -7.68 -1.17
N LEU A 292 19.78 -6.84 -1.97
CA LEU A 292 19.77 -6.98 -3.42
C LEU A 292 20.75 -6.06 -4.15
N VAL A 293 21.05 -4.87 -3.62
CA VAL A 293 22.07 -4.03 -4.23
C VAL A 293 23.44 -4.69 -4.21
N PRO A 294 23.90 -5.29 -3.09
CA PRO A 294 25.16 -6.06 -3.16
C PRO A 294 25.12 -7.16 -4.20
N MET A 295 23.95 -7.79 -4.41
CA MET A 295 23.84 -8.84 -5.40
C MET A 295 23.96 -8.29 -6.81
N ALA A 296 23.33 -7.15 -7.08
CA ALA A 296 23.43 -6.55 -8.42
C ALA A 296 24.81 -5.94 -8.65
N ALA A 297 25.45 -5.42 -7.60
CA ALA A 297 26.81 -4.93 -7.74
C ALA A 297 27.78 -6.07 -8.08
N ARG A 298 27.58 -7.24 -7.49
CA ARG A 298 28.42 -8.39 -7.84
C ARG A 298 28.17 -8.84 -9.28
N ALA A 299 26.96 -8.65 -9.79
CA ALA A 299 26.67 -9.00 -11.17
C ALA A 299 27.35 -8.05 -12.14
N ALA A 300 27.64 -6.83 -11.72
CA ALA A 300 28.36 -5.87 -12.54
C ALA A 300 29.87 -5.94 -12.34
N GLY A 301 30.34 -6.85 -11.50
CA GLY A 301 31.77 -7.02 -11.28
C GLY A 301 32.25 -6.63 -9.89
N LEU A 302 31.63 -5.60 -9.30
CA LEU A 302 32.11 -5.05 -8.05
C LEU A 302 31.86 -6.01 -6.89
N ASP A 303 32.85 -6.11 -5.99
CA ASP A 303 32.62 -6.78 -4.72
C ASP A 303 32.02 -5.80 -3.72
N PHE A 304 31.78 -6.27 -2.49
CA PHE A 304 31.13 -5.43 -1.48
C PHE A 304 31.98 -4.23 -1.13
N GLN A 305 33.31 -4.42 -1.08
CA GLN A 305 34.17 -3.30 -0.72
C GLN A 305 34.16 -2.20 -1.78
N GLN A 306 34.15 -2.59 -3.06
CA GLN A 306 34.11 -1.58 -4.13
C GLN A 306 32.77 -0.87 -4.18
N LEU A 307 31.68 -1.55 -3.78
CA LEU A 307 30.37 -0.92 -3.82
C LEU A 307 30.28 0.21 -2.80
N VAL A 308 30.72 -0.04 -1.56
CA VAL A 308 30.64 1.00 -0.53
C VAL A 308 31.61 2.13 -0.84
N LEU A 309 32.78 1.82 -1.42
CA LEU A 309 33.71 2.88 -1.78
C LEU A 309 33.18 3.68 -2.96
N ALA A 310 32.54 3.03 -3.93
CA ALA A 310 31.95 3.75 -5.04
C ALA A 310 30.85 4.71 -4.55
N ILE A 311 30.01 4.24 -3.64
CA ILE A 311 29.00 5.11 -3.04
C ILE A 311 29.66 6.29 -2.34
N LEU A 312 30.71 6.00 -1.57
CA LEU A 312 31.40 7.07 -0.84
C LEU A 312 32.08 8.06 -1.78
N ALA A 313 32.67 7.54 -2.87
CA ALA A 313 33.35 8.41 -3.82
C ALA A 313 32.38 9.36 -4.51
N ASP A 314 31.17 8.89 -4.78
CA ASP A 314 30.18 9.72 -5.46
C ASP A 314 29.74 10.89 -4.58
N SER A 315 29.68 10.68 -3.26
CA SER A 315 29.28 11.74 -2.35
C SER A 315 30.27 12.89 -2.30
N ARG A 316 31.43 12.75 -2.92
CA ARG A 316 32.38 13.85 -2.95
C ARG A 316 32.04 14.84 -4.05
N GLU A 317 30.75 15.04 -4.31
CA GLU A 317 30.27 16.01 -5.30
C GLU A 317 28.94 16.62 -4.87
N CYS B 5 -32.25 -55.03 0.45
CA CYS B 5 -33.65 -55.39 0.23
C CYS B 5 -34.41 -54.31 -0.55
N LEU B 6 -34.69 -54.62 -1.82
CA LEU B 6 -35.44 -53.70 -2.69
C LEU B 6 -36.84 -53.43 -2.14
N ASP B 7 -37.47 -54.41 -1.51
CA ASP B 7 -38.82 -54.23 -0.99
C ASP B 7 -38.82 -53.19 0.13
N SER B 8 -37.87 -53.31 1.05
CA SER B 8 -37.80 -52.35 2.15
C SER B 8 -37.47 -50.95 1.67
N LEU B 9 -36.78 -50.83 0.54
CA LEU B 9 -36.46 -49.52 0.00
C LEU B 9 -37.70 -48.82 -0.55
N LEU B 10 -38.60 -49.58 -1.16
CA LEU B 10 -39.80 -49.03 -1.78
C LEU B 10 -41.01 -49.02 -0.83
N ASN B 11 -40.77 -49.02 0.49
CA ASN B 11 -41.82 -49.31 1.47
C ASN B 11 -43.05 -48.42 1.28
N GLY B 12 -42.89 -47.11 1.45
CA GLY B 12 -44.05 -46.23 1.40
C GLY B 12 -44.14 -45.39 0.13
N THR B 13 -43.86 -46.00 -1.01
CA THR B 13 -43.73 -45.27 -2.26
C THR B 13 -44.88 -45.52 -3.23
N GLN B 14 -45.85 -46.38 -2.86
CA GLN B 14 -46.86 -46.81 -3.82
C GLN B 14 -47.86 -45.71 -4.14
N ASP B 15 -48.15 -44.82 -3.19
CA ASP B 15 -49.16 -43.79 -3.36
C ASP B 15 -48.53 -42.40 -3.40
N PRO B 16 -48.29 -41.84 -4.58
CA PRO B 16 -47.74 -40.47 -4.65
C PRO B 16 -48.64 -39.43 -4.00
N LYS B 17 -49.97 -39.62 -4.07
CA LYS B 17 -50.90 -38.68 -3.48
C LYS B 17 -50.85 -38.68 -1.96
N ALA B 18 -50.29 -39.72 -1.36
CA ALA B 18 -50.26 -39.80 0.10
C ALA B 18 -49.35 -38.77 0.75
N PHE B 19 -48.39 -38.21 -0.01
CA PHE B 19 -47.45 -37.27 0.59
C PHE B 19 -47.99 -35.85 0.70
N GLY B 20 -49.07 -35.53 -0.01
CA GLY B 20 -49.65 -34.20 0.10
C GLY B 20 -48.95 -33.21 -0.82
N ARG B 21 -48.94 -31.95 -0.38
CA ARG B 21 -48.27 -30.89 -1.14
C ARG B 21 -46.81 -30.80 -0.71
N VAL B 22 -45.90 -31.03 -1.64
CA VAL B 22 -44.47 -31.18 -1.36
C VAL B 22 -43.73 -29.99 -1.97
N ALA B 23 -42.99 -29.28 -1.14
CA ALA B 23 -42.17 -28.16 -1.59
C ALA B 23 -40.75 -28.66 -1.83
N VAL B 24 -40.27 -28.53 -3.06
CA VAL B 24 -38.89 -28.86 -3.40
C VAL B 24 -38.07 -27.60 -3.19
N LEU B 25 -37.25 -27.61 -2.14
CA LEU B 25 -36.40 -26.47 -1.79
C LEU B 25 -35.06 -26.60 -2.50
N PHE B 26 -34.68 -25.57 -3.25
CA PHE B 26 -33.46 -25.58 -4.05
C PHE B 26 -32.96 -24.16 -4.23
N GLY B 27 -31.84 -24.03 -4.92
CA GLY B 27 -31.27 -22.71 -5.22
C GLY B 27 -30.36 -22.21 -4.10
N GLY B 28 -30.86 -21.25 -3.33
CA GLY B 28 -30.11 -20.72 -2.20
C GLY B 28 -29.07 -19.71 -2.63
N LYS B 29 -28.31 -19.25 -1.64
CA LYS B 29 -27.29 -18.23 -1.84
C LYS B 29 -25.87 -18.77 -1.72
N SER B 30 -25.71 -20.09 -1.62
CA SER B 30 -24.37 -20.66 -1.44
C SER B 30 -23.65 -20.75 -2.79
N ALA B 31 -22.35 -21.07 -2.71
CA ALA B 31 -21.53 -21.17 -3.90
C ALA B 31 -21.93 -22.33 -4.82
N GLU B 32 -22.77 -23.26 -4.33
CA GLU B 32 -23.26 -24.35 -5.16
C GLU B 32 -24.66 -24.09 -5.69
N ARG B 33 -25.10 -22.82 -5.70
CA ARG B 33 -26.44 -22.47 -6.17
C ARG B 33 -26.73 -23.09 -7.53
N GLU B 34 -25.82 -22.93 -8.49
CA GLU B 34 -26.05 -23.43 -9.84
C GLU B 34 -26.27 -24.94 -9.86
N VAL B 35 -25.57 -25.66 -8.97
CA VAL B 35 -25.76 -27.12 -8.91
C VAL B 35 -27.12 -27.45 -8.30
N SER B 36 -27.51 -26.71 -7.26
CA SER B 36 -28.78 -26.99 -6.61
C SER B 36 -29.97 -26.66 -7.52
N LEU B 37 -29.82 -25.68 -8.41
CA LEU B 37 -30.89 -25.37 -9.36
C LEU B 37 -31.12 -26.54 -10.31
N LYS B 38 -30.06 -27.18 -10.79
CA LYS B 38 -30.22 -28.33 -11.67
C LYS B 38 -30.74 -29.55 -10.90
N SER B 39 -30.31 -29.73 -9.65
CA SER B 39 -30.82 -30.82 -8.83
C SER B 39 -32.29 -30.63 -8.50
N GLY B 40 -32.67 -29.41 -8.12
CA GLY B 40 -34.08 -29.13 -7.84
C GLY B 40 -34.97 -29.33 -9.04
N ALA B 41 -34.51 -28.91 -10.22
CA ALA B 41 -35.28 -29.11 -11.44
C ALA B 41 -35.50 -30.59 -11.72
N MET B 42 -34.47 -31.41 -11.52
CA MET B 42 -34.61 -32.85 -11.71
C MET B 42 -35.59 -33.45 -10.72
N VAL B 43 -35.46 -33.09 -9.45
CA VAL B 43 -36.32 -33.64 -8.41
C VAL B 43 -37.76 -33.20 -8.64
N LEU B 44 -37.97 -31.91 -8.93
CA LEU B 44 -39.31 -31.41 -9.16
C LEU B 44 -39.95 -32.11 -10.36
N GLN B 45 -39.25 -32.16 -11.48
CA GLN B 45 -39.78 -32.82 -12.67
C GLN B 45 -40.11 -34.28 -12.39
N SER B 46 -39.25 -34.97 -11.64
CA SER B 46 -39.49 -36.39 -11.35
C SER B 46 -40.68 -36.57 -10.43
N LEU B 47 -40.82 -35.71 -9.41
CA LEU B 47 -41.98 -35.80 -8.51
C LEU B 47 -43.27 -35.54 -9.26
N LEU B 48 -43.25 -34.61 -10.22
CA LEU B 48 -44.46 -34.28 -10.97
C LEU B 48 -44.86 -35.42 -11.90
N ALA B 49 -43.89 -36.01 -12.61
CA ALA B 49 -44.21 -37.13 -13.48
C ALA B 49 -44.71 -38.33 -12.70
N ALA B 50 -44.26 -38.48 -11.45
CA ALA B 50 -44.73 -39.57 -10.59
C ALA B 50 -46.13 -39.32 -10.05
N GLY B 51 -46.68 -38.12 -10.25
CA GLY B 51 -48.01 -37.80 -9.76
C GLY B 51 -48.04 -37.16 -8.39
N VAL B 52 -46.96 -36.57 -7.94
CA VAL B 52 -46.89 -35.91 -6.65
C VAL B 52 -47.31 -34.46 -6.83
N ASP B 53 -48.07 -33.93 -5.86
CA ASP B 53 -48.48 -32.53 -5.86
C ASP B 53 -47.30 -31.70 -5.36
N ALA B 54 -46.33 -31.50 -6.25
CA ALA B 54 -45.06 -30.89 -5.92
C ALA B 54 -44.91 -29.54 -6.60
N PHE B 55 -44.34 -28.58 -5.87
CA PHE B 55 -43.94 -27.30 -6.43
C PHE B 55 -42.55 -26.96 -5.89
N GLY B 56 -41.91 -26.01 -6.55
CA GLY B 56 -40.54 -25.64 -6.25
C GLY B 56 -40.46 -24.28 -5.59
N ILE B 57 -39.45 -24.11 -4.73
CA ILE B 57 -39.17 -22.84 -4.08
C ILE B 57 -37.68 -22.55 -4.26
N ASP B 58 -37.37 -21.51 -5.02
CA ASP B 58 -36.01 -20.99 -5.11
C ASP B 58 -35.72 -20.25 -3.81
N VAL B 59 -34.96 -20.89 -2.92
CA VAL B 59 -34.71 -20.33 -1.61
C VAL B 59 -33.98 -19.00 -1.76
N GLY B 60 -34.52 -17.97 -1.16
CA GLY B 60 -33.93 -16.64 -1.24
C GLY B 60 -34.46 -15.75 -0.15
N GLU B 61 -34.57 -14.46 -0.45
CA GLU B 61 -34.91 -13.47 0.56
C GLU B 61 -36.38 -13.54 0.97
N ASP B 62 -37.24 -14.07 0.11
CA ASP B 62 -38.67 -14.17 0.38
C ASP B 62 -39.09 -15.52 0.95
N LEU B 63 -38.14 -16.29 1.50
CA LEU B 63 -38.45 -17.67 1.92
C LEU B 63 -39.52 -17.70 3.00
N LEU B 64 -39.32 -16.93 4.09
CA LEU B 64 -40.26 -16.96 5.19
C LEU B 64 -41.65 -16.50 4.73
N GLN B 65 -41.70 -15.54 3.81
CA GLN B 65 -42.99 -15.11 3.27
C GLN B 65 -43.68 -16.25 2.50
N ARG B 66 -42.91 -17.01 1.73
CA ARG B 66 -43.51 -18.12 1.00
C ARG B 66 -43.93 -19.25 1.92
N LEU B 67 -43.34 -19.35 3.12
CA LEU B 67 -43.72 -20.41 4.03
C LEU B 67 -45.04 -20.11 4.74
N VAL B 68 -45.38 -18.83 4.89
CA VAL B 68 -46.66 -18.50 5.52
C VAL B 68 -47.81 -18.43 4.52
N GLU B 69 -47.53 -18.23 3.24
CA GLU B 69 -48.57 -18.21 2.21
C GLU B 69 -48.90 -19.61 1.71
N GLU B 70 -47.88 -20.40 1.37
CA GLU B 70 -48.08 -21.68 0.71
C GLU B 70 -48.43 -22.76 1.72
N LYS B 71 -49.39 -23.61 1.37
CA LYS B 71 -49.62 -24.83 2.12
C LYS B 71 -48.57 -25.85 1.73
N ILE B 72 -47.97 -26.50 2.73
CA ILE B 72 -46.87 -27.42 2.52
C ILE B 72 -47.05 -28.58 3.49
N ASP B 73 -47.20 -29.80 2.95
CA ASP B 73 -47.29 -31.00 3.78
C ASP B 73 -45.93 -31.60 4.09
N ARG B 74 -44.93 -31.33 3.25
CA ARG B 74 -43.62 -31.97 3.38
C ARG B 74 -42.64 -31.22 2.48
N ALA B 75 -41.42 -31.05 2.97
CA ALA B 75 -40.38 -30.36 2.22
C ALA B 75 -39.32 -31.36 1.75
N PHE B 76 -38.97 -31.28 0.48
CA PHE B 76 -37.84 -32.03 -0.08
C PHE B 76 -36.66 -31.06 -0.16
N ILE B 77 -35.69 -31.23 0.72
CA ILE B 77 -34.51 -30.38 0.76
C ILE B 77 -33.51 -30.88 -0.28
N ILE B 78 -33.23 -30.04 -1.27
CA ILE B 78 -32.18 -30.35 -2.24
C ILE B 78 -31.38 -29.08 -2.47
N LEU B 79 -31.07 -28.39 -1.37
CA LEU B 79 -30.05 -27.35 -1.36
C LEU B 79 -28.68 -27.96 -1.11
N HIS B 80 -27.65 -27.32 -1.64
CA HIS B 80 -26.28 -27.78 -1.49
C HIS B 80 -25.45 -26.68 -0.83
N GLY B 81 -24.77 -27.02 0.26
CA GLY B 81 -23.88 -26.10 0.91
C GLY B 81 -24.52 -25.42 2.10
N ARG B 82 -23.82 -24.38 2.58
CA ARG B 82 -24.30 -23.63 3.72
C ARG B 82 -25.64 -22.95 3.40
N GLY B 83 -26.46 -22.79 4.43
CA GLY B 83 -27.83 -22.33 4.24
C GLY B 83 -28.80 -23.43 3.83
N GLY B 84 -28.32 -24.66 3.62
CA GLY B 84 -29.17 -25.74 3.20
C GLY B 84 -28.81 -27.09 3.82
N GLU B 85 -27.54 -27.47 3.74
CA GLU B 85 -27.03 -28.73 4.28
C GLU B 85 -26.44 -28.60 5.68
N ASP B 86 -26.38 -27.38 6.24
CA ASP B 86 -25.65 -27.15 7.48
C ASP B 86 -26.55 -27.16 8.71
N GLY B 87 -27.75 -27.73 8.61
CA GLY B 87 -28.68 -27.75 9.71
C GLY B 87 -29.51 -26.50 9.87
N SER B 88 -29.18 -25.40 9.18
CA SER B 88 -29.95 -24.18 9.37
C SER B 88 -31.35 -24.29 8.78
N MET B 89 -31.45 -24.78 7.54
CA MET B 89 -32.76 -24.96 6.94
C MET B 89 -33.55 -26.04 7.67
N GLN B 90 -32.87 -27.09 8.13
CA GLN B 90 -33.51 -28.10 8.95
C GLN B 90 -34.14 -27.48 10.19
N GLY B 91 -33.41 -26.58 10.86
CA GLY B 91 -33.95 -25.94 12.05
C GLY B 91 -35.15 -25.05 11.73
N LEU B 92 -35.10 -24.34 10.60
CA LEU B 92 -36.24 -23.50 10.22
C LEU B 92 -37.50 -24.34 10.04
N LEU B 93 -37.38 -25.47 9.34
CA LEU B 93 -38.55 -26.28 9.04
C LEU B 93 -39.14 -26.89 10.31
N GLU B 94 -38.30 -27.26 11.27
CA GLU B 94 -38.81 -27.77 12.53
C GLU B 94 -39.57 -26.68 13.29
N CYS B 95 -39.01 -25.48 13.35
CA CYS B 95 -39.71 -24.35 13.96
C CYS B 95 -41.05 -24.09 13.25
N ALA B 96 -41.07 -24.24 11.92
CA ALA B 96 -42.30 -24.05 11.16
C ALA B 96 -43.23 -25.24 11.23
N GLY B 97 -42.82 -26.34 11.86
CA GLY B 97 -43.67 -27.50 11.96
C GLY B 97 -43.84 -28.28 10.67
N ILE B 98 -42.92 -28.13 9.73
CA ILE B 98 -42.97 -28.82 8.45
C ILE B 98 -41.99 -29.99 8.48
N PRO B 99 -42.43 -31.22 8.19
CA PRO B 99 -41.49 -32.33 8.07
C PRO B 99 -40.71 -32.24 6.77
N TYR B 100 -39.50 -32.84 6.79
CA TYR B 100 -38.56 -32.67 5.70
C TYR B 100 -37.75 -33.95 5.53
N THR B 101 -37.01 -34.02 4.43
CA THR B 101 -36.19 -35.18 4.10
C THR B 101 -34.76 -35.01 4.60
N GLY B 102 -34.07 -36.14 4.72
CA GLY B 102 -32.66 -36.13 5.04
C GLY B 102 -32.36 -35.98 6.51
N SER B 103 -31.08 -35.75 6.80
CA SER B 103 -30.59 -35.73 8.16
C SER B 103 -31.12 -34.52 8.93
N GLY B 104 -31.15 -34.65 10.25
CA GLY B 104 -31.66 -33.62 11.13
C GLY B 104 -30.67 -32.50 11.35
N VAL B 105 -30.96 -31.68 12.37
CA VAL B 105 -30.19 -30.46 12.59
C VAL B 105 -28.75 -30.79 12.98
N LEU B 106 -28.57 -31.64 13.99
CA LEU B 106 -27.23 -31.93 14.48
C LEU B 106 -26.40 -32.66 13.43
N ALA B 107 -26.98 -33.67 12.77
CA ALA B 107 -26.23 -34.42 11.78
C ALA B 107 -25.83 -33.54 10.60
N SER B 108 -26.77 -32.76 10.08
CA SER B 108 -26.48 -31.90 8.94
C SER B 108 -25.36 -30.91 9.27
N ALA B 109 -25.47 -30.23 10.40
CA ALA B 109 -24.47 -29.24 10.77
C ALA B 109 -23.10 -29.89 10.96
N LEU B 110 -23.08 -31.09 11.55
CA LEU B 110 -21.82 -31.76 11.79
C LEU B 110 -21.17 -32.22 10.48
N ALA B 111 -21.96 -32.79 9.58
CA ALA B 111 -21.40 -33.29 8.33
C ALA B 111 -21.00 -32.16 7.36
N MET B 112 -21.60 -30.97 7.50
CA MET B 112 -21.13 -29.86 6.67
C MET B 112 -19.72 -29.43 7.05
N ASP B 113 -19.34 -29.62 8.32
CA ASP B 113 -18.05 -29.22 8.84
C ASP B 113 -17.06 -30.37 8.65
N LYS B 114 -16.21 -30.26 7.62
CA LYS B 114 -15.26 -31.33 7.34
C LYS B 114 -14.29 -31.55 8.50
N LEU B 115 -13.95 -30.49 9.24
CA LEU B 115 -13.03 -30.66 10.36
C LEU B 115 -13.68 -31.40 11.52
N ARG B 116 -14.89 -30.98 11.90
CA ARG B 116 -15.60 -31.67 12.97
C ARG B 116 -15.97 -33.09 12.58
N THR B 117 -16.28 -33.32 11.30
CA THR B 117 -16.54 -34.68 10.83
C THR B 117 -15.32 -35.56 11.00
N LYS B 118 -14.16 -35.09 10.53
CA LYS B 118 -12.93 -35.90 10.65
C LYS B 118 -12.59 -36.16 12.12
N ARG B 119 -12.84 -35.19 12.99
CA ARG B 119 -12.52 -35.37 14.41
C ARG B 119 -13.40 -36.43 15.05
N VAL B 120 -14.67 -36.51 14.64
CA VAL B 120 -15.54 -37.57 15.13
C VAL B 120 -15.01 -38.93 14.67
N TRP B 121 -14.61 -39.03 13.40
CA TRP B 121 -14.11 -40.29 12.89
C TRP B 121 -12.83 -40.73 13.59
N LEU B 122 -11.94 -39.77 13.89
CA LEU B 122 -10.68 -40.12 14.55
C LEU B 122 -10.92 -40.67 15.96
N SER B 123 -11.85 -40.06 16.70
CA SER B 123 -12.17 -40.56 18.03
C SER B 123 -12.74 -41.96 18.01
N LEU B 124 -13.29 -42.40 16.87
CA LEU B 124 -13.81 -43.75 16.74
C LEU B 124 -12.83 -44.69 16.07
N GLY B 125 -11.63 -44.22 15.75
CA GLY B 125 -10.64 -45.06 15.11
C GLY B 125 -10.97 -45.42 13.68
N LEU B 126 -11.72 -44.58 12.99
CA LEU B 126 -12.03 -44.72 11.58
C LEU B 126 -11.00 -43.97 10.74
N PRO B 127 -10.71 -44.46 9.54
CA PRO B 127 -9.58 -43.91 8.76
C PRO B 127 -10.00 -42.66 7.99
N THR B 128 -9.23 -41.59 8.19
CA THR B 128 -9.41 -40.34 7.45
C THR B 128 -8.06 -39.67 7.34
N PRO B 129 -7.76 -39.02 6.21
CA PRO B 129 -6.38 -38.57 5.95
C PRO B 129 -5.86 -37.59 7.00
N ASP B 130 -4.60 -37.78 7.36
CA ASP B 130 -3.90 -36.84 8.25
C ASP B 130 -3.93 -35.44 7.65
N TYR B 131 -4.02 -34.44 8.54
CA TYR B 131 -4.41 -33.11 8.10
C TYR B 131 -3.81 -32.04 9.00
N ALA B 132 -3.96 -30.79 8.56
CA ALA B 132 -3.63 -29.62 9.37
C ALA B 132 -4.63 -28.51 9.07
N VAL B 133 -4.68 -27.52 9.96
CA VAL B 133 -5.53 -26.35 9.81
C VAL B 133 -4.65 -25.15 9.51
N LEU B 134 -4.98 -24.43 8.42
CA LEU B 134 -4.14 -23.37 7.89
C LEU B 134 -4.80 -22.01 8.14
N ALA B 135 -4.08 -21.13 8.85
CA ALA B 135 -4.50 -19.75 9.01
C ALA B 135 -3.32 -18.79 8.94
N SER B 136 -2.23 -19.21 8.29
CA SER B 136 -0.96 -18.49 8.33
C SER B 136 0.03 -19.10 7.34
N GLU B 137 0.95 -18.27 6.86
CA GLU B 137 2.05 -18.79 6.04
C GLU B 137 2.89 -19.79 6.83
N ASP B 138 3.11 -19.51 8.12
CA ASP B 138 3.85 -20.44 8.97
C ASP B 138 3.09 -21.75 9.12
N ASP B 139 1.75 -21.68 9.20
CA ASP B 139 0.95 -22.91 9.25
C ASP B 139 1.15 -23.75 8.00
N CYS B 140 1.22 -23.11 6.83
CA CYS B 140 1.51 -23.85 5.60
C CYS B 140 2.87 -24.54 5.69
N ARG B 141 3.86 -23.85 6.27
CA ARG B 141 5.19 -24.44 6.40
C ARG B 141 5.19 -25.62 7.36
N GLU B 142 4.51 -25.48 8.51
CA GLU B 142 4.44 -26.59 9.46
C GLU B 142 3.74 -27.80 8.85
N ALA B 143 2.63 -27.57 8.14
CA ALA B 143 1.90 -28.67 7.53
C ALA B 143 2.76 -29.36 6.47
N ALA B 144 3.49 -28.58 5.68
CA ALA B 144 4.39 -29.17 4.69
C ALA B 144 5.49 -30.00 5.36
N GLN B 145 6.08 -29.48 6.44
CA GLN B 145 7.12 -30.23 7.14
C GLN B 145 6.57 -31.55 7.68
N ARG B 146 5.37 -31.52 8.27
CA ARG B 146 4.85 -32.70 8.95
C ARG B 146 4.25 -33.70 7.96
N LEU B 147 3.61 -33.21 6.90
CA LEU B 147 2.82 -34.07 6.02
C LEU B 147 3.45 -34.33 4.65
N GLY B 148 4.42 -33.53 4.23
CA GLY B 148 5.00 -33.72 2.92
C GLY B 148 4.07 -33.30 1.79
N PHE B 149 4.42 -33.72 0.58
CA PHE B 149 3.70 -33.38 -0.63
C PHE B 149 3.42 -34.64 -1.44
N PRO B 150 2.39 -34.63 -2.30
CA PRO B 150 1.42 -33.55 -2.53
C PRO B 150 0.36 -33.45 -1.44
N LEU B 151 -0.37 -32.35 -1.45
CA LEU B 151 -1.43 -32.07 -0.49
C LEU B 151 -2.67 -31.63 -1.24
N ILE B 152 -3.80 -31.63 -0.54
CA ILE B 152 -5.06 -31.16 -1.11
C ILE B 152 -5.69 -30.19 -0.12
N VAL B 153 -6.01 -28.99 -0.59
CA VAL B 153 -6.50 -27.90 0.25
C VAL B 153 -7.99 -27.73 -0.02
N LYS B 154 -8.76 -27.56 1.06
CA LYS B 154 -10.20 -27.44 0.93
C LYS B 154 -10.72 -26.52 2.01
N PRO B 155 -11.74 -25.71 1.73
CA PRO B 155 -12.46 -25.04 2.81
C PRO B 155 -13.20 -26.07 3.63
N ALA B 156 -13.41 -25.76 4.91
CA ALA B 156 -14.01 -26.76 5.78
C ALA B 156 -15.49 -27.00 5.46
N HIS B 157 -16.18 -26.03 4.86
CA HIS B 157 -17.63 -26.06 4.76
C HIS B 157 -18.17 -26.02 3.33
N GLU B 158 -17.35 -26.30 2.32
CA GLU B 158 -17.82 -26.17 0.95
C GLU B 158 -18.17 -27.53 0.36
N GLY B 159 -18.48 -27.53 -0.94
CA GLY B 159 -18.85 -28.72 -1.67
C GLY B 159 -18.56 -28.52 -3.15
N SER B 160 -18.79 -29.57 -3.92
CA SER B 160 -18.58 -29.55 -5.38
C SER B 160 -17.14 -29.20 -5.74
N SER B 161 -16.20 -29.54 -4.85
CA SER B 161 -14.78 -29.26 -5.06
C SER B 161 -14.49 -27.77 -5.19
N ILE B 162 -15.39 -26.92 -4.69
CA ILE B 162 -15.22 -25.48 -4.80
C ILE B 162 -14.16 -25.01 -3.82
N GLY B 163 -13.29 -24.10 -4.26
CA GLY B 163 -12.20 -23.62 -3.44
C GLY B 163 -11.13 -24.64 -3.13
N MET B 164 -11.05 -25.72 -3.89
CA MET B 164 -10.11 -26.81 -3.63
C MET B 164 -8.98 -26.81 -4.65
N ALA B 165 -7.83 -27.34 -4.22
CA ALA B 165 -6.65 -27.43 -5.07
C ALA B 165 -5.77 -28.56 -4.58
N LYS B 166 -5.24 -29.33 -5.52
CA LYS B 166 -4.11 -30.21 -5.25
C LYS B 166 -2.82 -29.41 -5.43
N VAL B 167 -1.96 -29.46 -4.43
CA VAL B 167 -0.74 -28.65 -4.42
C VAL B 167 0.46 -29.57 -4.29
N GLY B 168 1.52 -29.25 -5.02
CA GLY B 168 2.71 -30.09 -5.06
C GLY B 168 3.91 -29.50 -4.36
N GLY B 169 3.83 -28.22 -3.99
CA GLY B 169 4.93 -27.57 -3.31
C GLY B 169 4.41 -26.45 -2.43
N LEU B 170 5.35 -25.79 -1.75
CA LEU B 170 4.97 -24.72 -0.83
C LEU B 170 4.37 -23.53 -1.55
N ASP B 171 4.75 -23.30 -2.80
CA ASP B 171 4.26 -22.13 -3.53
C ASP B 171 2.75 -22.25 -3.77
N GLU B 172 2.31 -23.35 -4.36
CA GLU B 172 0.89 -23.49 -4.63
C GLU B 172 0.10 -23.86 -3.36
N LEU B 173 0.76 -24.40 -2.34
CA LEU B 173 0.08 -24.61 -1.06
C LEU B 173 -0.34 -23.29 -0.43
N ILE B 174 0.53 -22.28 -0.47
CA ILE B 174 0.19 -21.00 0.11
C ILE B 174 -0.85 -20.27 -0.74
N ALA B 175 -0.74 -20.37 -2.07
CA ALA B 175 -1.74 -19.76 -2.93
C ALA B 175 -3.10 -20.45 -2.78
N ALA B 176 -3.10 -21.77 -2.61
CA ALA B 176 -4.36 -22.48 -2.44
C ALA B 176 -5.00 -22.19 -1.09
N TRP B 177 -4.20 -21.99 -0.05
CA TRP B 177 -4.75 -21.61 1.25
C TRP B 177 -5.47 -20.26 1.16
N ARG B 178 -4.85 -19.29 0.50
CA ARG B 178 -5.46 -17.97 0.37
C ARG B 178 -6.76 -18.05 -0.43
N GLU B 179 -6.79 -18.91 -1.45
CA GLU B 179 -7.99 -19.06 -2.26
C GLU B 179 -9.14 -19.65 -1.45
N ALA B 180 -8.87 -20.75 -0.76
CA ALA B 180 -9.91 -21.38 0.06
C ALA B 180 -10.37 -20.47 1.18
N ALA B 181 -9.47 -19.63 1.72
CA ALA B 181 -9.84 -18.71 2.77
C ALA B 181 -10.84 -17.66 2.31
N ARG B 182 -11.02 -17.49 1.00
CA ARG B 182 -12.05 -16.60 0.51
C ARG B 182 -13.45 -17.18 0.69
N TYR B 183 -13.55 -18.51 0.85
CA TYR B 183 -14.83 -19.18 1.04
C TYR B 183 -15.13 -19.46 2.50
N ASP B 184 -14.10 -19.67 3.30
CA ASP B 184 -14.27 -20.14 4.67
C ASP B 184 -13.03 -19.72 5.46
N SER B 185 -13.24 -19.11 6.62
CA SER B 185 -12.10 -18.86 7.50
C SER B 185 -11.50 -20.16 8.04
N GLN B 186 -12.20 -21.29 7.91
CA GLN B 186 -11.72 -22.60 8.32
C GLN B 186 -11.14 -23.29 7.10
N VAL B 187 -9.82 -23.39 7.02
CA VAL B 187 -9.14 -24.05 5.90
C VAL B 187 -8.40 -25.27 6.46
N LEU B 188 -8.59 -26.41 5.81
CA LEU B 188 -7.87 -27.62 6.14
C LEU B 188 -7.10 -28.10 4.92
N VAL B 189 -6.00 -28.81 5.19
CA VAL B 189 -5.20 -29.44 4.15
C VAL B 189 -4.97 -30.89 4.53
N GLU B 190 -5.16 -31.79 3.58
CA GLU B 190 -5.08 -33.23 3.83
C GLU B 190 -3.92 -33.84 3.08
N GLN B 191 -3.40 -34.94 3.62
CA GLN B 191 -2.42 -35.74 2.89
C GLN B 191 -3.07 -36.34 1.65
N TRP B 192 -2.39 -36.18 0.50
CA TRP B 192 -2.90 -36.70 -0.76
C TRP B 192 -2.90 -38.22 -0.74
N ILE B 193 -4.06 -38.82 -0.96
CA ILE B 193 -4.19 -40.26 -1.13
C ILE B 193 -4.13 -40.56 -2.63
N SER B 194 -3.16 -41.37 -3.04
CA SER B 194 -2.96 -41.72 -4.44
C SER B 194 -3.54 -43.10 -4.69
N GLY B 195 -4.61 -43.16 -5.48
CA GLY B 195 -5.20 -44.42 -5.86
C GLY B 195 -6.64 -44.27 -6.29
N PRO B 196 -7.35 -45.39 -6.38
CA PRO B 196 -8.74 -45.36 -6.86
C PRO B 196 -9.63 -44.54 -5.94
N GLU B 197 -10.55 -43.81 -6.53
CA GLU B 197 -11.54 -43.03 -5.79
C GLU B 197 -12.90 -43.71 -5.93
N PHE B 198 -13.61 -43.82 -4.81
CA PHE B 198 -14.95 -44.38 -4.80
C PHE B 198 -15.91 -43.38 -4.17
N THR B 199 -17.19 -43.53 -4.49
CA THR B 199 -18.26 -42.86 -3.77
C THR B 199 -19.32 -43.90 -3.43
N VAL B 200 -19.90 -43.77 -2.23
CA VAL B 200 -20.80 -44.78 -1.69
C VAL B 200 -22.07 -44.08 -1.23
N ALA B 201 -23.20 -44.39 -1.87
CA ALA B 201 -24.47 -43.82 -1.49
C ALA B 201 -25.16 -44.70 -0.45
N THR B 202 -25.90 -44.06 0.45
CA THR B 202 -26.71 -44.75 1.43
C THR B 202 -28.14 -44.24 1.34
N LEU B 203 -29.09 -45.15 1.49
CA LEU B 203 -30.51 -44.82 1.36
C LEU B 203 -31.29 -45.59 2.40
N ARG B 204 -31.97 -44.88 3.30
CA ARG B 204 -32.82 -45.49 4.32
C ARG B 204 -32.05 -46.54 5.13
N GLY B 205 -30.78 -46.26 5.41
CA GLY B 205 -29.96 -47.16 6.17
C GLY B 205 -29.32 -48.29 5.38
N GLN B 206 -29.62 -48.41 4.09
CA GLN B 206 -29.04 -49.45 3.24
C GLN B 206 -27.93 -48.83 2.40
N VAL B 207 -26.80 -49.54 2.31
CA VAL B 207 -25.65 -49.06 1.54
C VAL B 207 -25.78 -49.59 0.12
N LEU B 208 -25.84 -48.67 -0.84
CA LEU B 208 -26.03 -48.99 -2.25
C LEU B 208 -24.71 -49.42 -2.88
N PRO B 209 -24.72 -49.93 -4.11
CA PRO B 209 -23.46 -50.29 -4.78
C PRO B 209 -22.50 -49.11 -4.90
N ALA B 210 -21.22 -49.43 -4.78
CA ALA B 210 -20.16 -48.42 -4.86
C ALA B 210 -19.88 -48.04 -6.30
N ILE B 211 -19.48 -46.79 -6.50
CA ILE B 211 -19.10 -46.27 -7.81
C ILE B 211 -17.64 -45.84 -7.75
N ARG B 212 -16.84 -46.29 -8.72
CA ARG B 212 -15.48 -45.83 -8.86
C ARG B 212 -15.43 -44.69 -9.87
N LEU B 213 -14.72 -43.62 -9.52
CA LEU B 213 -14.68 -42.40 -10.31
C LEU B 213 -13.28 -42.20 -10.88
N GLY B 214 -13.22 -41.71 -12.11
CA GLY B 214 -11.94 -41.42 -12.75
C GLY B 214 -12.01 -40.24 -13.70
N THR B 215 -11.01 -39.37 -13.66
CA THR B 215 -10.98 -38.20 -14.52
C THR B 215 -9.53 -37.91 -14.89
N PRO B 216 -9.27 -37.42 -16.11
CA PRO B 216 -7.90 -37.00 -16.46
C PRO B 216 -7.46 -35.72 -15.78
N HIS B 217 -8.33 -35.05 -15.04
CA HIS B 217 -7.93 -33.88 -14.28
C HIS B 217 -7.06 -34.30 -13.08
N THR B 218 -6.41 -33.31 -12.47
CA THR B 218 -5.55 -33.61 -11.32
C THR B 218 -6.34 -34.19 -10.16
N PHE B 219 -7.61 -33.80 -10.03
CA PHE B 219 -8.50 -34.42 -9.05
C PHE B 219 -9.93 -34.22 -9.53
N TYR B 220 -10.86 -34.91 -8.86
CA TYR B 220 -12.29 -34.83 -9.16
C TYR B 220 -12.80 -33.43 -8.80
N ASP B 221 -12.48 -32.47 -9.67
CA ASP B 221 -12.80 -31.07 -9.40
C ASP B 221 -14.18 -30.71 -9.95
N TYR B 222 -14.55 -29.44 -9.75
CA TYR B 222 -15.86 -28.97 -10.20
C TYR B 222 -16.06 -29.23 -11.70
N ASP B 223 -15.01 -29.00 -12.49
CA ASP B 223 -15.11 -29.17 -13.93
C ASP B 223 -15.40 -30.63 -14.29
N ALA B 224 -14.69 -31.56 -13.65
CA ALA B 224 -14.94 -32.97 -13.91
C ALA B 224 -16.34 -33.37 -13.46
N LYS B 225 -16.85 -32.75 -12.39
CA LYS B 225 -18.14 -33.16 -11.84
C LYS B 225 -19.30 -32.67 -12.71
N TYR B 226 -19.18 -31.48 -13.29
CA TYR B 226 -20.35 -30.82 -13.85
C TYR B 226 -20.20 -30.30 -15.29
N LEU B 227 -19.00 -30.19 -15.84
CA LEU B 227 -18.84 -29.61 -17.16
C LEU B 227 -18.16 -30.51 -18.18
N ALA B 228 -17.36 -31.49 -17.76
CA ALA B 228 -16.52 -32.26 -18.66
C ALA B 228 -17.28 -33.46 -19.23
N SER B 229 -16.70 -34.03 -20.29
CA SER B 229 -17.27 -35.20 -20.97
C SER B 229 -16.49 -36.49 -20.70
N ASP B 230 -15.29 -36.40 -20.14
CA ASP B 230 -14.40 -37.56 -20.05
C ASP B 230 -14.26 -38.10 -18.63
N THR B 231 -15.25 -37.86 -17.77
CA THR B 231 -15.24 -38.46 -16.44
C THR B 231 -15.77 -39.88 -16.52
N ARG B 232 -15.06 -40.81 -15.87
CA ARG B 232 -15.38 -42.23 -15.92
C ARG B 232 -16.14 -42.64 -14.68
N TYR B 233 -17.27 -43.33 -14.87
CA TYR B 233 -18.08 -43.88 -13.79
C TYR B 233 -18.23 -45.37 -13.99
N GLN B 234 -17.85 -46.16 -12.99
CA GLN B 234 -17.84 -47.61 -13.10
C GLN B 234 -18.61 -48.22 -11.94
N VAL B 235 -19.71 -48.88 -12.25
CA VAL B 235 -20.41 -49.72 -11.28
C VAL B 235 -20.87 -50.99 -12.01
N PRO B 236 -20.47 -52.20 -11.55
CA PRO B 236 -19.67 -52.53 -10.36
C PRO B 236 -18.31 -51.84 -10.36
N CYS B 237 -17.83 -51.48 -9.17
CA CYS B 237 -16.65 -50.62 -9.06
C CYS B 237 -15.36 -51.33 -9.44
N GLY B 238 -15.35 -52.66 -9.44
CA GLY B 238 -14.18 -53.44 -9.74
C GLY B 238 -13.54 -54.11 -8.54
N LEU B 239 -13.95 -53.75 -7.32
CA LEU B 239 -13.45 -54.41 -6.13
C LEU B 239 -14.01 -55.84 -6.07
N ASP B 240 -13.31 -56.70 -5.33
CA ASP B 240 -13.83 -58.03 -5.09
C ASP B 240 -14.84 -57.99 -3.94
N GLU B 241 -15.52 -59.12 -3.74
CA GLU B 241 -16.63 -59.15 -2.80
C GLU B 241 -16.20 -58.71 -1.40
N ALA B 242 -15.07 -59.22 -0.93
CA ALA B 242 -14.61 -58.90 0.41
C ALA B 242 -14.23 -57.42 0.52
N LYS B 243 -13.61 -56.87 -0.52
CA LYS B 243 -13.17 -55.48 -0.47
C LYS B 243 -14.36 -54.52 -0.56
N GLU B 244 -15.27 -54.76 -1.51
CA GLU B 244 -16.46 -53.92 -1.62
C GLU B 244 -17.32 -54.02 -0.36
N ARG B 245 -17.45 -55.22 0.20
CA ARG B 245 -18.17 -55.36 1.46
C ARG B 245 -17.52 -54.53 2.55
N GLU B 246 -16.19 -54.63 2.67
CA GLU B 246 -15.46 -53.80 3.63
C GLU B 246 -15.76 -52.32 3.43
N LEU B 247 -15.72 -51.86 2.18
CA LEU B 247 -15.98 -50.46 1.89
C LEU B 247 -17.40 -50.06 2.30
N LYS B 248 -18.37 -50.97 2.15
CA LYS B 248 -19.74 -50.64 2.48
C LYS B 248 -19.96 -50.61 4.00
N GLU B 249 -19.33 -51.55 4.73
CA GLU B 249 -19.42 -51.49 6.19
C GLU B 249 -18.73 -50.25 6.74
N LEU B 250 -17.63 -49.81 6.10
CA LEU B 250 -16.98 -48.59 6.54
C LEU B 250 -17.86 -47.36 6.30
N THR B 251 -18.53 -47.33 5.14
CA THR B 251 -19.47 -46.25 4.85
C THR B 251 -20.57 -46.18 5.90
N ALA B 252 -21.19 -47.32 6.20
CA ALA B 252 -22.25 -47.36 7.21
C ALA B 252 -21.76 -46.84 8.55
N ARG B 253 -20.59 -47.32 8.99
CA ARG B 253 -20.00 -46.88 10.24
C ARG B 253 -19.69 -45.38 10.21
N ALA B 254 -19.18 -44.89 9.07
CA ALA B 254 -18.86 -43.47 8.97
C ALA B 254 -20.12 -42.61 8.97
N CYS B 255 -21.19 -43.10 8.34
CA CYS B 255 -22.45 -42.35 8.32
C CYS B 255 -23.17 -42.42 9.66
N ASP B 256 -23.20 -43.60 10.29
CA ASP B 256 -23.84 -43.72 11.59
C ASP B 256 -23.10 -42.89 12.64
N ALA B 257 -21.78 -42.74 12.47
CA ALA B 257 -21.00 -41.94 13.42
C ALA B 257 -21.48 -40.50 13.49
N LEU B 258 -21.96 -39.96 12.38
CA LEU B 258 -22.41 -38.56 12.33
C LEU B 258 -23.92 -38.42 12.46
N GLY B 259 -24.67 -39.52 12.42
CA GLY B 259 -26.11 -39.46 12.59
C GLY B 259 -26.92 -39.30 11.32
N ILE B 260 -26.38 -39.69 10.16
CA ILE B 260 -27.06 -39.52 8.89
C ILE B 260 -28.37 -40.30 8.88
N GLN B 261 -29.45 -39.66 8.44
CA GLN B 261 -30.74 -40.31 8.25
C GLN B 261 -31.26 -40.02 6.86
N GLY B 262 -32.06 -40.95 6.34
CA GLY B 262 -32.73 -40.76 5.06
C GLY B 262 -31.88 -41.14 3.88
N TRP B 263 -30.81 -40.38 3.63
CA TRP B 263 -29.89 -40.68 2.55
C TRP B 263 -28.61 -39.87 2.74
N GLY B 264 -27.62 -40.18 1.92
CA GLY B 264 -26.33 -39.51 1.98
C GLY B 264 -25.37 -40.14 1.00
N ARG B 265 -24.21 -39.51 0.85
CA ARG B 265 -23.17 -40.00 -0.03
C ARG B 265 -21.81 -39.76 0.61
N ALA B 266 -21.01 -40.81 0.71
CA ALA B 266 -19.67 -40.76 1.28
C ALA B 266 -18.62 -40.88 0.18
N ASP B 267 -17.55 -40.08 0.31
CA ASP B 267 -16.45 -40.06 -0.65
C ASP B 267 -15.23 -40.69 -0.01
N VAL B 268 -14.71 -41.75 -0.63
CA VAL B 268 -13.67 -42.60 -0.04
C VAL B 268 -12.56 -42.83 -1.07
N MET B 269 -11.31 -42.63 -0.65
CA MET B 269 -10.13 -42.93 -1.46
C MET B 269 -9.47 -44.22 -1.00
N GLN B 270 -8.72 -44.83 -1.91
CA GLN B 270 -8.00 -46.07 -1.62
C GLN B 270 -6.53 -45.90 -2.02
N ASP B 271 -5.62 -46.27 -1.12
CA ASP B 271 -4.20 -46.08 -1.39
C ASP B 271 -3.59 -47.33 -2.04
N ALA B 272 -2.28 -47.25 -2.32
CA ALA B 272 -1.59 -48.33 -3.02
C ALA B 272 -1.57 -49.62 -2.21
N GLU B 273 -1.67 -49.53 -0.89
CA GLU B 273 -1.74 -50.71 -0.04
C GLU B 273 -3.16 -51.21 0.19
N GLY B 274 -4.14 -50.61 -0.49
CA GLY B 274 -5.51 -51.10 -0.45
C GLY B 274 -6.37 -50.54 0.65
N ARG B 275 -5.83 -49.72 1.55
CA ARG B 275 -6.60 -49.16 2.63
C ARG B 275 -7.55 -48.08 2.13
N PHE B 276 -8.68 -47.94 2.80
CA PHE B 276 -9.69 -46.93 2.49
C PHE B 276 -9.51 -45.73 3.41
N TRP B 277 -9.73 -44.53 2.87
CA TRP B 277 -9.62 -43.29 3.64
C TRP B 277 -10.86 -42.46 3.38
N LEU B 278 -11.57 -42.11 4.44
CA LEU B 278 -12.81 -41.35 4.34
C LEU B 278 -12.51 -39.88 4.17
N LEU B 279 -13.14 -39.25 3.18
CA LEU B 279 -12.97 -37.81 2.95
C LEU B 279 -14.10 -37.00 3.58
N GLU B 280 -15.34 -37.26 3.18
CA GLU B 280 -16.47 -36.43 3.60
C GLU B 280 -17.76 -37.22 3.42
N VAL B 281 -18.84 -36.67 3.99
CA VAL B 281 -20.20 -37.17 3.82
C VAL B 281 -21.10 -36.01 3.43
N ASN B 282 -21.90 -36.20 2.39
CA ASN B 282 -22.86 -35.20 1.94
C ASN B 282 -24.27 -35.60 2.37
N THR B 283 -24.97 -34.67 3.02
CA THR B 283 -26.30 -34.97 3.56
C THR B 283 -27.44 -34.63 2.60
N ALA B 284 -27.18 -33.87 1.54
CA ALA B 284 -28.14 -33.65 0.47
C ALA B 284 -27.42 -33.78 -0.87
N PRO B 285 -27.08 -35.01 -1.27
CA PRO B 285 -26.24 -35.19 -2.46
C PRO B 285 -26.90 -34.66 -3.73
N GLY B 286 -26.07 -34.39 -4.74
CA GLY B 286 -26.57 -33.87 -5.99
C GLY B 286 -27.52 -34.84 -6.68
N MET B 287 -28.50 -34.28 -7.41
CA MET B 287 -29.47 -35.08 -8.14
C MET B 287 -29.59 -34.65 -9.60
N THR B 288 -28.51 -34.12 -10.16
CA THR B 288 -28.48 -33.80 -11.58
C THR B 288 -28.42 -35.09 -12.39
N ASP B 289 -28.49 -34.96 -13.71
CA ASP B 289 -28.23 -36.12 -14.56
C ASP B 289 -26.74 -36.43 -14.67
N HIS B 290 -25.89 -35.58 -14.10
CA HIS B 290 -24.48 -35.88 -13.88
C HIS B 290 -24.20 -36.58 -12.55
N SER B 291 -25.22 -36.75 -11.71
CA SER B 291 -24.99 -37.00 -10.30
C SER B 291 -24.95 -38.50 -9.98
N LEU B 292 -24.35 -38.80 -8.82
CA LEU B 292 -23.87 -40.14 -8.48
C LEU B 292 -24.87 -40.98 -7.70
N VAL B 293 -25.64 -40.37 -6.80
CA VAL B 293 -26.67 -41.12 -6.09
C VAL B 293 -27.69 -41.73 -7.04
N PRO B 294 -28.22 -41.02 -8.05
CA PRO B 294 -29.06 -41.70 -9.05
C PRO B 294 -28.36 -42.85 -9.74
N MET B 295 -27.05 -42.74 -9.99
CA MET B 295 -26.31 -43.83 -10.61
C MET B 295 -26.22 -45.04 -9.68
N ALA B 296 -26.04 -44.79 -8.38
CA ALA B 296 -26.00 -45.91 -7.43
C ALA B 296 -27.39 -46.51 -7.25
N ALA B 297 -28.44 -45.68 -7.29
CA ALA B 297 -29.80 -46.21 -7.16
C ALA B 297 -30.15 -47.13 -8.31
N ARG B 298 -29.83 -46.72 -9.54
CA ARG B 298 -30.05 -47.59 -10.70
C ARG B 298 -29.41 -48.95 -10.49
N ALA B 299 -28.15 -48.97 -10.06
CA ALA B 299 -27.45 -50.23 -9.83
C ALA B 299 -28.22 -51.10 -8.83
N ALA B 300 -28.83 -50.48 -7.82
CA ALA B 300 -29.62 -51.21 -6.84
C ALA B 300 -30.98 -51.62 -7.39
N GLY B 301 -31.41 -51.04 -8.50
CA GLY B 301 -32.68 -51.37 -9.11
C GLY B 301 -33.76 -50.32 -9.01
N LEU B 302 -33.42 -49.06 -8.72
CA LEU B 302 -34.39 -48.00 -8.56
C LEU B 302 -34.15 -46.94 -9.64
N ASP B 303 -35.19 -46.59 -10.37
CA ASP B 303 -35.07 -45.46 -11.28
C ASP B 303 -35.15 -44.17 -10.47
N PHE B 304 -35.03 -43.03 -11.17
CA PHE B 304 -35.01 -41.74 -10.49
C PHE B 304 -36.30 -41.51 -9.71
N GLN B 305 -37.43 -41.94 -10.26
CA GLN B 305 -38.72 -41.68 -9.62
C GLN B 305 -38.85 -42.47 -8.31
N GLN B 306 -38.43 -43.73 -8.32
CA GLN B 306 -38.47 -44.52 -7.11
C GLN B 306 -37.52 -43.97 -6.05
N LEU B 307 -36.37 -43.44 -6.48
CA LEU B 307 -35.39 -42.91 -5.55
C LEU B 307 -35.94 -41.69 -4.79
N VAL B 308 -36.52 -40.72 -5.52
CA VAL B 308 -37.08 -39.55 -4.86
C VAL B 308 -38.29 -39.94 -4.01
N LEU B 309 -39.07 -40.93 -4.45
CA LEU B 309 -40.19 -41.38 -3.63
C LEU B 309 -39.71 -42.10 -2.39
N ALA B 310 -38.59 -42.83 -2.49
CA ALA B 310 -38.00 -43.48 -1.32
C ALA B 310 -37.54 -42.45 -0.30
N ILE B 311 -36.87 -41.39 -0.76
CA ILE B 311 -36.39 -40.36 0.17
C ILE B 311 -37.57 -39.73 0.91
N LEU B 312 -38.67 -39.49 0.20
CA LEU B 312 -39.86 -38.94 0.84
C LEU B 312 -40.49 -39.91 1.83
N ALA B 313 -40.63 -41.18 1.43
CA ALA B 313 -41.25 -42.17 2.31
C ALA B 313 -40.50 -42.30 3.63
N ASP B 314 -39.17 -42.18 3.60
CA ASP B 314 -38.38 -42.27 4.82
C ASP B 314 -38.65 -41.10 5.75
N SER B 315 -38.92 -39.91 5.20
CA SER B 315 -39.11 -38.74 6.04
C SER B 315 -40.43 -38.76 6.80
N ARG B 316 -41.38 -39.63 6.44
CA ARG B 316 -42.61 -39.73 7.20
C ARG B 316 -42.38 -40.14 8.65
N GLU B 317 -41.15 -40.52 9.00
CA GLU B 317 -40.77 -40.83 10.38
C GLU B 317 -40.00 -39.69 11.05
N ASN C 3 -11.65 29.13 5.08
CA ASN C 3 -12.28 30.44 5.24
C ASN C 3 -11.71 31.19 6.45
N LEU C 4 -11.72 32.51 6.37
CA LEU C 4 -11.22 33.37 7.45
C LEU C 4 -12.18 33.29 8.63
N CYS C 5 -11.78 32.54 9.66
CA CYS C 5 -12.49 32.49 10.94
C CYS C 5 -11.54 32.98 12.03
N LEU C 6 -11.76 34.20 12.50
CA LEU C 6 -10.87 34.80 13.49
C LEU C 6 -10.83 33.97 14.77
N ASP C 7 -11.98 33.37 15.13
CA ASP C 7 -12.06 32.64 16.39
C ASP C 7 -11.14 31.42 16.40
N SER C 8 -11.34 30.52 15.45
CA SER C 8 -10.54 29.30 15.40
C SER C 8 -9.07 29.55 15.05
N LEU C 9 -8.73 30.73 14.55
CA LEU C 9 -7.31 31.07 14.35
C LEU C 9 -6.56 31.10 15.67
N LEU C 10 -7.21 31.57 16.73
CA LEU C 10 -6.64 31.54 18.07
C LEU C 10 -7.11 30.28 18.77
N ASN C 11 -6.18 29.44 19.22
CA ASN C 11 -6.57 28.16 19.79
C ASN C 11 -5.74 27.82 21.03
N GLY C 12 -4.46 27.50 20.84
CA GLY C 12 -3.58 27.31 21.96
C GLY C 12 -3.02 28.64 22.42
N THR C 13 -3.72 29.71 22.05
CA THR C 13 -3.21 31.07 22.19
C THR C 13 -3.24 31.55 23.64
N GLN C 14 -4.23 31.10 24.41
CA GLN C 14 -4.54 31.74 25.68
C GLN C 14 -3.51 31.41 26.77
N ASP C 15 -2.75 30.32 26.62
CA ASP C 15 -1.78 29.91 27.63
C ASP C 15 -0.37 30.02 27.08
N PRO C 16 0.29 31.17 27.24
CA PRO C 16 1.70 31.27 26.81
C PRO C 16 2.64 30.37 27.61
N LYS C 17 2.23 29.93 28.81
CA LYS C 17 3.07 29.04 29.57
C LYS C 17 3.01 27.61 29.05
N ALA C 18 1.91 27.23 28.40
CA ALA C 18 1.72 25.86 27.93
C ALA C 18 2.58 25.55 26.70
N PHE C 19 3.23 26.54 26.11
CA PHE C 19 4.09 26.28 24.95
C PHE C 19 5.47 25.79 25.33
N GLY C 20 5.81 25.82 26.62
CA GLY C 20 7.13 25.39 27.05
C GLY C 20 8.18 26.45 26.74
N ARG C 21 9.44 26.02 26.78
CA ARG C 21 10.53 26.91 26.43
C ARG C 21 10.70 26.93 24.93
N VAL C 22 10.47 28.09 24.32
CA VAL C 22 10.41 28.25 22.87
C VAL C 22 11.72 28.88 22.39
N ALA C 23 12.34 28.26 21.40
CA ALA C 23 13.52 28.80 20.75
C ALA C 23 13.13 29.45 19.42
N VAL C 24 13.49 30.71 19.27
CA VAL C 24 13.24 31.45 18.02
C VAL C 24 14.51 31.33 17.17
N LEU C 25 14.39 30.64 16.04
CA LEU C 25 15.52 30.39 15.16
C LEU C 25 15.54 31.43 14.06
N PHE C 26 16.58 32.26 14.05
CA PHE C 26 16.73 33.34 13.08
C PHE C 26 18.19 33.45 12.68
N GLY C 27 18.51 34.44 11.87
CA GLY C 27 19.88 34.67 11.46
C GLY C 27 20.31 33.80 10.30
N GLY C 28 21.22 32.87 10.56
CA GLY C 28 21.68 31.98 9.52
C GLY C 28 22.80 32.57 8.69
N LYS C 29 23.20 31.80 7.68
CA LYS C 29 24.31 32.16 6.81
C LYS C 29 23.87 32.42 5.37
N SER C 30 22.57 32.58 5.11
CA SER C 30 22.08 32.84 3.76
C SER C 30 22.12 34.34 3.47
N ALA C 31 21.89 34.69 2.20
CA ALA C 31 21.89 36.09 1.79
C ALA C 31 20.80 36.90 2.47
N GLU C 32 19.74 36.25 2.96
CA GLU C 32 18.66 36.93 3.63
C GLU C 32 18.89 37.03 5.14
N ARG C 33 20.12 36.88 5.60
CA ARG C 33 20.41 36.89 7.03
C ARG C 33 19.97 38.19 7.68
N GLU C 34 20.27 39.32 7.06
CA GLU C 34 19.93 40.61 7.66
C GLU C 34 18.42 40.74 7.83
N VAL C 35 17.64 40.29 6.84
CA VAL C 35 16.19 40.29 6.98
C VAL C 35 15.75 39.35 8.10
N SER C 36 16.41 38.19 8.20
CA SER C 36 16.05 37.22 9.24
C SER C 36 16.29 37.78 10.64
N LEU C 37 17.40 38.51 10.82
CA LEU C 37 17.70 39.12 12.11
C LEU C 37 16.57 40.04 12.55
N LYS C 38 16.12 40.92 11.66
CA LYS C 38 15.01 41.83 12.00
C LYS C 38 13.72 41.07 12.24
N SER C 39 13.48 40.00 11.48
CA SER C 39 12.29 39.17 11.71
C SER C 39 12.38 38.45 13.05
N GLY C 40 13.58 37.95 13.40
CA GLY C 40 13.73 37.27 14.66
C GLY C 40 13.56 38.18 15.85
N ALA C 41 14.18 39.36 15.80
CA ALA C 41 14.04 40.32 16.90
C ALA C 41 12.58 40.70 17.11
N MET C 42 11.79 40.79 16.03
CA MET C 42 10.38 41.09 16.16
C MET C 42 9.62 39.94 16.81
N VAL C 43 9.86 38.72 16.33
CA VAL C 43 9.16 37.56 16.86
C VAL C 43 9.52 37.33 18.33
N LEU C 44 10.81 37.42 18.65
CA LEU C 44 11.26 37.17 20.01
C LEU C 44 10.70 38.21 20.98
N GLN C 45 10.67 39.48 20.57
CA GLN C 45 10.16 40.53 21.44
C GLN C 45 8.66 40.36 21.69
N SER C 46 7.89 40.04 20.64
CA SER C 46 6.46 39.85 20.81
C SER C 46 6.16 38.63 21.67
N LEU C 47 6.87 37.53 21.44
CA LEU C 47 6.63 36.32 22.23
C LEU C 47 6.98 36.54 23.70
N LEU C 48 8.06 37.26 23.97
CA LEU C 48 8.42 37.59 25.35
C LEU C 48 7.35 38.45 26.00
N ALA C 49 6.90 39.50 25.31
CA ALA C 49 5.84 40.35 25.83
C ALA C 49 4.55 39.59 26.07
N ALA C 50 4.30 38.55 25.26
CA ALA C 50 3.16 37.68 25.49
C ALA C 50 3.36 36.76 26.69
N GLY C 51 4.56 36.71 27.25
CA GLY C 51 4.82 35.89 28.42
C GLY C 51 5.19 34.45 28.12
N VAL C 52 5.57 34.14 26.90
CA VAL C 52 6.02 32.80 26.57
C VAL C 52 7.48 32.66 26.97
N ASP C 53 7.89 31.44 27.29
CA ASP C 53 9.27 31.17 27.71
C ASP C 53 10.17 31.15 26.49
N ALA C 54 10.41 32.34 25.93
CA ALA C 54 11.08 32.50 24.66
C ALA C 54 12.52 32.95 24.84
N PHE C 55 13.38 32.49 23.93
CA PHE C 55 14.75 32.95 23.82
C PHE C 55 15.19 32.79 22.38
N GLY C 56 16.19 33.56 21.99
CA GLY C 56 16.63 33.61 20.62
C GLY C 56 17.90 32.82 20.38
N ILE C 57 18.01 32.24 19.18
CA ILE C 57 19.21 31.56 18.74
C ILE C 57 19.57 32.12 17.36
N ASP C 58 20.66 32.88 17.30
CA ASP C 58 21.26 33.23 16.02
C ASP C 58 21.89 31.98 15.44
N VAL C 59 21.25 31.40 14.43
CA VAL C 59 21.71 30.13 13.88
C VAL C 59 23.08 30.32 13.24
N GLY C 60 24.09 29.66 13.81
CA GLY C 60 25.44 29.73 13.28
C GLY C 60 26.16 28.39 13.32
N GLU C 61 27.49 28.44 13.38
CA GLU C 61 28.27 27.21 13.37
C GLU C 61 28.16 26.44 14.68
N ASP C 62 27.66 27.07 15.74
CA ASP C 62 27.51 26.43 17.04
C ASP C 62 26.09 25.92 17.29
N LEU C 63 25.31 25.72 16.23
CA LEU C 63 23.89 25.44 16.39
C LEU C 63 23.68 24.12 17.13
N LEU C 64 24.29 23.04 16.65
CA LEU C 64 24.11 21.74 17.28
C LEU C 64 24.54 21.77 18.74
N GLN C 65 25.60 22.53 19.06
CA GLN C 65 25.98 22.69 20.46
C GLN C 65 24.90 23.44 21.24
N ARG C 66 24.33 24.49 20.66
CA ARG C 66 23.26 25.22 21.33
C ARG C 66 22.06 24.32 21.62
N LEU C 67 21.74 23.41 20.71
CA LEU C 67 20.53 22.61 20.86
C LEU C 67 20.68 21.57 21.97
N VAL C 68 21.87 21.03 22.18
CA VAL C 68 22.04 20.05 23.25
C VAL C 68 22.14 20.73 24.60
N GLU C 69 22.63 21.97 24.65
CA GLU C 69 22.80 22.66 25.92
C GLU C 69 21.48 23.22 26.44
N GLU C 70 20.77 23.98 25.62
CA GLU C 70 19.52 24.59 26.03
C GLU C 70 18.38 23.58 26.02
N LYS C 71 17.47 23.70 26.97
CA LYS C 71 16.22 22.96 26.93
C LYS C 71 15.28 23.65 25.95
N ILE C 72 14.68 22.87 25.05
CA ILE C 72 13.82 23.43 24.01
C ILE C 72 12.58 22.55 23.89
N ASP C 73 11.40 23.14 24.08
CA ASP C 73 10.14 22.44 23.86
C ASP C 73 9.55 22.72 22.49
N ARG C 74 9.74 23.93 21.96
CA ARG C 74 9.25 24.31 20.64
C ARG C 74 10.31 25.14 19.93
N ALA C 75 10.38 24.98 18.61
CA ALA C 75 11.22 25.82 17.76
C ALA C 75 10.33 26.63 16.82
N PHE C 76 10.43 27.95 16.91
CA PHE C 76 9.75 28.85 15.98
C PHE C 76 10.75 29.22 14.90
N ILE C 77 10.60 28.63 13.72
CA ILE C 77 11.52 28.89 12.61
C ILE C 77 11.14 30.21 11.95
N ILE C 78 12.05 31.18 11.99
CA ILE C 78 11.88 32.45 11.30
C ILE C 78 13.17 32.76 10.55
N LEU C 79 13.82 31.71 10.06
CA LEU C 79 14.95 31.86 9.17
C LEU C 79 14.46 32.09 7.74
N HIS C 80 15.29 32.75 6.93
CA HIS C 80 14.93 33.10 5.56
C HIS C 80 15.98 32.54 4.61
N GLY C 81 15.53 31.81 3.60
CA GLY C 81 16.42 31.30 2.59
C GLY C 81 16.94 29.91 2.90
N ARG C 82 17.89 29.48 2.07
CA ARG C 82 18.49 28.17 2.25
C ARG C 82 19.13 28.04 3.63
N GLY C 83 19.06 26.84 4.19
CA GLY C 83 19.44 26.61 5.55
C GLY C 83 18.34 26.85 6.56
N GLY C 84 17.17 27.30 6.12
CA GLY C 84 16.05 27.56 7.00
C GLY C 84 14.71 27.16 6.41
N GLU C 85 14.45 27.59 5.16
CA GLU C 85 13.19 27.28 4.50
C GLU C 85 13.26 26.08 3.56
N ASP C 86 14.44 25.49 3.38
CA ASP C 86 14.64 24.49 2.34
C ASP C 86 14.47 23.06 2.84
N GLY C 87 13.96 22.87 4.06
CA GLY C 87 13.79 21.55 4.63
C GLY C 87 14.93 21.07 5.49
N SER C 88 16.09 21.71 5.43
CA SER C 88 17.26 21.23 6.17
C SER C 88 17.08 21.44 7.68
N MET C 89 16.72 22.66 8.08
CA MET C 89 16.43 22.91 9.49
C MET C 89 15.24 22.09 9.97
N GLN C 90 14.26 21.85 9.09
CA GLN C 90 13.11 21.04 9.49
C GLN C 90 13.54 19.61 9.78
N GLY C 91 14.39 19.03 8.93
CA GLY C 91 14.86 17.68 9.18
C GLY C 91 15.70 17.57 10.44
N LEU C 92 16.54 18.59 10.69
CA LEU C 92 17.33 18.61 11.92
C LEU C 92 16.44 18.53 13.15
N LEU C 93 15.40 19.36 13.19
CA LEU C 93 14.54 19.41 14.37
C LEU C 93 13.75 18.12 14.54
N GLU C 94 13.37 17.48 13.43
CA GLU C 94 12.72 16.18 13.52
C GLU C 94 13.67 15.14 14.09
N CYS C 95 14.92 15.13 13.64
CA CYS C 95 15.89 14.21 14.21
C CYS C 95 16.20 14.54 15.67
N ALA C 96 16.15 15.82 16.04
CA ALA C 96 16.35 16.23 17.42
C ALA C 96 15.11 16.02 18.29
N GLY C 97 14.01 15.56 17.71
CA GLY C 97 12.78 15.39 18.46
C GLY C 97 12.14 16.66 18.96
N ILE C 98 12.38 17.79 18.28
CA ILE C 98 11.88 19.09 18.68
C ILE C 98 10.75 19.48 17.73
N PRO C 99 9.54 19.71 18.23
CA PRO C 99 8.46 20.18 17.36
C PRO C 99 8.67 21.62 16.94
N TYR C 100 8.23 21.93 15.72
CA TYR C 100 8.57 23.19 15.08
C TYR C 100 7.38 23.73 14.28
N THR C 101 7.48 25.02 13.93
CA THR C 101 6.45 25.75 13.21
C THR C 101 6.66 25.64 11.70
N GLY C 102 5.57 25.82 10.97
CA GLY C 102 5.63 25.95 9.52
C GLY C 102 5.50 24.64 8.78
N SER C 103 5.96 24.66 7.52
CA SER C 103 5.81 23.52 6.64
C SER C 103 6.83 22.43 6.96
N GLY C 104 6.51 21.21 6.55
CA GLY C 104 7.36 20.07 6.80
C GLY C 104 8.60 20.07 5.93
N VAL C 105 9.34 18.96 6.01
CA VAL C 105 10.58 18.83 5.26
C VAL C 105 10.33 18.88 3.76
N LEU C 106 9.44 18.01 3.27
CA LEU C 106 9.20 17.92 1.83
C LEU C 106 8.60 19.21 1.28
N ALA C 107 7.62 19.78 1.97
CA ALA C 107 7.01 21.02 1.51
C ALA C 107 8.00 22.16 1.50
N SER C 108 8.83 22.27 2.55
CA SER C 108 9.81 23.34 2.61
C SER C 108 10.83 23.21 1.48
N ALA C 109 11.35 22.00 1.27
CA ALA C 109 12.33 21.79 0.21
C ALA C 109 11.73 22.07 -1.17
N LEU C 110 10.48 21.66 -1.38
CA LEU C 110 9.84 21.87 -2.67
C LEU C 110 9.60 23.35 -2.94
N ALA C 111 9.11 24.09 -1.95
CA ALA C 111 8.72 25.48 -2.17
C ALA C 111 9.94 26.39 -2.28
N MET C 112 11.07 25.99 -1.69
CA MET C 112 12.31 26.74 -1.88
C MET C 112 12.76 26.68 -3.34
N ASP C 113 12.51 25.55 -4.00
CA ASP C 113 12.93 25.33 -5.38
C ASP C 113 11.85 25.90 -6.29
N LYS C 114 12.08 27.13 -6.76
CA LYS C 114 11.08 27.78 -7.62
C LYS C 114 10.83 26.97 -8.89
N LEU C 115 11.88 26.38 -9.47
CA LEU C 115 11.71 25.58 -10.67
C LEU C 115 10.85 24.36 -10.40
N ARG C 116 11.14 23.63 -9.32
CA ARG C 116 10.33 22.46 -9.00
C ARG C 116 8.93 22.85 -8.58
N THR C 117 8.80 23.97 -7.87
CA THR C 117 7.48 24.45 -7.49
C THR C 117 6.65 24.77 -8.74
N LYS C 118 7.21 25.53 -9.68
CA LYS C 118 6.51 25.82 -10.93
C LYS C 118 6.15 24.53 -11.67
N ARG C 119 7.05 23.53 -11.62
CA ARG C 119 6.82 22.27 -12.31
C ARG C 119 5.62 21.53 -11.73
N VAL C 120 5.48 21.56 -10.40
CA VAL C 120 4.31 20.98 -9.76
C VAL C 120 3.06 21.73 -10.18
N TRP C 121 3.11 23.06 -10.15
CA TRP C 121 1.96 23.88 -10.52
C TRP C 121 1.49 23.57 -11.93
N LEU C 122 2.42 23.50 -12.89
CA LEU C 122 2.05 23.29 -14.28
C LEU C 122 1.35 21.94 -14.47
N SER C 123 1.84 20.90 -13.80
CA SER C 123 1.26 19.57 -13.92
C SER C 123 -0.16 19.48 -13.39
N LEU C 124 -0.63 20.49 -12.66
CA LEU C 124 -1.99 20.52 -12.14
C LEU C 124 -2.86 21.55 -12.84
N GLY C 125 -2.39 22.11 -13.96
CA GLY C 125 -3.14 23.15 -14.63
C GLY C 125 -3.20 24.46 -13.90
N LEU C 126 -2.30 24.69 -12.95
CA LEU C 126 -2.29 25.97 -12.26
C LEU C 126 -1.45 26.97 -13.04
N PRO C 127 -1.82 28.25 -13.05
CA PRO C 127 -1.15 29.23 -13.91
C PRO C 127 0.14 29.75 -13.28
N THR C 128 1.21 29.78 -14.09
CA THR C 128 2.50 30.30 -13.65
C THR C 128 3.24 30.72 -14.90
N PRO C 129 4.02 31.80 -14.86
CA PRO C 129 4.56 32.37 -16.11
C PRO C 129 5.46 31.39 -16.86
N ASP C 130 5.39 31.47 -18.19
CA ASP C 130 6.29 30.68 -19.03
C ASP C 130 7.74 31.10 -18.79
N TYR C 131 8.65 30.16 -18.99
CA TYR C 131 9.97 30.29 -18.40
C TYR C 131 10.97 29.47 -19.18
N ALA C 132 12.24 29.65 -18.84
CA ALA C 132 13.32 28.79 -19.32
C ALA C 132 14.33 28.62 -18.20
N VAL C 133 15.10 27.54 -18.30
CA VAL C 133 16.23 27.32 -17.41
C VAL C 133 17.48 27.85 -18.10
N LEU C 134 18.25 28.68 -17.38
CA LEU C 134 19.44 29.30 -17.91
C LEU C 134 20.68 28.65 -17.31
N ALA C 135 21.53 28.08 -18.16
CA ALA C 135 22.80 27.52 -17.73
C ALA C 135 23.95 27.88 -18.65
N SER C 136 23.70 28.60 -19.74
CA SER C 136 24.73 28.98 -20.69
C SER C 136 24.24 30.19 -21.48
N GLU C 137 25.16 30.81 -22.22
CA GLU C 137 24.77 31.90 -23.11
C GLU C 137 23.80 31.40 -24.17
N ASP C 138 23.98 30.17 -24.64
CA ASP C 138 23.05 29.60 -25.61
C ASP C 138 21.66 29.47 -25.02
N ASP C 139 21.56 29.13 -23.74
CA ASP C 139 20.25 29.08 -23.09
C ASP C 139 19.60 30.45 -23.02
N CYS C 140 20.41 31.51 -22.90
CA CYS C 140 19.85 32.86 -22.91
C CYS C 140 19.33 33.21 -24.31
N ARG C 141 20.15 32.95 -25.33
CA ARG C 141 19.72 33.20 -26.70
C ARG C 141 18.45 32.42 -27.05
N GLU C 142 18.37 31.17 -26.58
CA GLU C 142 17.16 30.38 -26.81
C GLU C 142 15.96 30.97 -26.07
N ALA C 143 16.15 31.39 -24.82
CA ALA C 143 15.04 31.93 -24.05
C ALA C 143 14.57 33.25 -24.62
N ALA C 144 15.51 34.13 -24.99
CA ALA C 144 15.16 35.42 -25.57
C ALA C 144 14.38 35.23 -26.87
N GLN C 145 14.77 34.24 -27.67
CA GLN C 145 14.07 33.96 -28.92
C GLN C 145 12.63 33.52 -28.67
N ARG C 146 12.44 32.61 -27.71
CA ARG C 146 11.13 31.99 -27.50
C ARG C 146 10.20 32.85 -26.66
N LEU C 147 10.73 33.65 -25.74
CA LEU C 147 9.91 34.35 -24.76
C LEU C 147 9.75 35.85 -25.02
N GLY C 148 10.62 36.44 -25.84
CA GLY C 148 10.53 37.87 -26.05
C GLY C 148 11.01 38.65 -24.83
N PHE C 149 10.68 39.94 -24.82
CA PHE C 149 11.10 40.85 -23.77
C PHE C 149 9.94 41.74 -23.37
N PRO C 150 9.96 42.27 -22.13
CA PRO C 150 10.98 42.10 -21.09
C PRO C 150 10.90 40.74 -20.39
N LEU C 151 11.92 40.38 -19.65
CA LEU C 151 12.00 39.12 -18.91
C LEU C 151 12.43 39.40 -17.47
N ILE C 152 12.24 38.38 -16.63
CA ILE C 152 12.60 38.46 -15.21
C ILE C 152 13.54 37.29 -14.91
N VAL C 153 14.77 37.60 -14.48
CA VAL C 153 15.77 36.59 -14.15
C VAL C 153 15.84 36.45 -12.64
N LYS C 154 15.82 35.22 -12.14
CA LYS C 154 15.91 34.98 -10.71
C LYS C 154 16.67 33.70 -10.42
N PRO C 155 17.44 33.66 -9.33
CA PRO C 155 17.94 32.38 -8.84
C PRO C 155 16.78 31.50 -8.40
N ALA C 156 17.00 30.18 -8.46
CA ALA C 156 15.90 29.27 -8.16
C ALA C 156 15.62 29.17 -6.66
N HIS C 157 16.62 29.40 -5.81
CA HIS C 157 16.50 29.12 -4.39
C HIS C 157 16.64 30.36 -3.52
N GLU C 158 16.36 31.55 -4.06
CA GLU C 158 16.60 32.79 -3.34
C GLU C 158 15.28 33.43 -2.89
N GLY C 159 15.42 34.55 -2.19
CA GLY C 159 14.30 35.29 -1.65
C GLY C 159 14.66 36.75 -1.50
N SER C 160 13.66 37.55 -1.12
CA SER C 160 13.83 38.99 -0.93
C SER C 160 14.35 39.68 -2.20
N SER C 161 14.04 39.11 -3.37
CA SER C 161 14.41 39.63 -4.68
C SER C 161 15.92 39.68 -4.89
N ILE C 162 16.67 38.91 -4.11
CA ILE C 162 18.12 38.91 -4.19
C ILE C 162 18.56 38.16 -5.45
N GLY C 163 19.56 38.70 -6.14
CA GLY C 163 20.04 38.11 -7.38
C GLY C 163 19.10 38.24 -8.56
N MET C 164 18.11 39.13 -8.49
CA MET C 164 17.06 39.24 -9.49
C MET C 164 17.29 40.47 -10.36
N ALA C 165 16.70 40.45 -11.56
CA ALA C 165 16.87 41.55 -12.49
C ALA C 165 15.78 41.49 -13.55
N LYS C 166 15.19 42.64 -13.86
CA LYS C 166 14.34 42.78 -15.04
C LYS C 166 15.22 43.15 -16.23
N VAL C 167 15.08 42.43 -17.33
CA VAL C 167 15.93 42.60 -18.51
C VAL C 167 15.08 42.92 -19.72
N GLY C 168 15.59 43.79 -20.59
CA GLY C 168 14.87 44.18 -21.78
C GLY C 168 15.57 43.77 -23.06
N GLY C 169 16.80 43.26 -22.94
CA GLY C 169 17.56 42.86 -24.11
C GLY C 169 18.39 41.63 -23.82
N LEU C 170 18.91 41.03 -24.90
CA LEU C 170 19.71 39.82 -24.76
C LEU C 170 21.00 40.08 -23.98
N ASP C 171 21.60 41.25 -24.17
CA ASP C 171 22.82 41.57 -23.44
C ASP C 171 22.54 41.76 -21.95
N GLU C 172 21.43 42.43 -21.61
CA GLU C 172 21.03 42.52 -20.22
C GLU C 172 20.68 41.14 -19.66
N LEU C 173 20.14 40.25 -20.50
CA LEU C 173 19.75 38.93 -20.05
C LEU C 173 20.96 38.08 -19.69
N ILE C 174 21.96 38.05 -20.57
CA ILE C 174 23.18 37.29 -20.30
C ILE C 174 23.83 37.79 -19.02
N ALA C 175 23.89 39.11 -18.84
CA ALA C 175 24.48 39.67 -17.63
C ALA C 175 23.69 39.29 -16.39
N ALA C 176 22.35 39.38 -16.46
CA ALA C 176 21.53 39.01 -15.32
C ALA C 176 21.64 37.52 -15.01
N TRP C 177 21.87 36.69 -16.02
CA TRP C 177 22.07 35.26 -15.76
C TRP C 177 23.37 35.03 -15.00
N ARG C 178 24.44 35.71 -15.39
CA ARG C 178 25.72 35.54 -14.71
C ARG C 178 25.67 36.08 -13.28
N GLU C 179 24.85 37.12 -13.04
CA GLU C 179 24.76 37.66 -11.68
C GLU C 179 23.96 36.74 -10.77
N ALA C 180 22.84 36.20 -11.26
CA ALA C 180 22.07 35.25 -10.46
C ALA C 180 22.86 33.97 -10.22
N ALA C 181 23.70 33.56 -11.18
CA ALA C 181 24.50 32.36 -11.01
C ALA C 181 25.50 32.48 -9.87
N ARG C 182 25.82 33.71 -9.45
CA ARG C 182 26.69 33.90 -8.30
C ARG C 182 26.02 33.44 -6.99
N TYR C 183 24.69 33.41 -6.96
CA TYR C 183 23.95 32.93 -5.80
C TYR C 183 23.49 31.49 -5.91
N ASP C 184 23.31 30.99 -7.14
CA ASP C 184 22.67 29.70 -7.35
C ASP C 184 23.00 29.24 -8.76
N SER C 185 23.53 28.01 -8.88
CA SER C 185 23.77 27.46 -10.21
C SER C 185 22.47 27.23 -10.95
N GLN C 186 21.36 27.05 -10.23
CA GLN C 186 20.04 26.95 -10.84
C GLN C 186 19.50 28.36 -11.06
N VAL C 187 19.35 28.75 -12.33
CA VAL C 187 18.85 30.06 -12.70
C VAL C 187 17.69 29.89 -13.67
N LEU C 188 16.59 30.59 -13.41
CA LEU C 188 15.43 30.57 -14.29
C LEU C 188 15.11 31.98 -14.74
N VAL C 189 14.44 32.08 -15.89
CA VAL C 189 14.00 33.35 -16.43
C VAL C 189 12.52 33.21 -16.78
N GLU C 190 11.72 34.20 -16.41
CA GLU C 190 10.28 34.18 -16.63
C GLU C 190 9.86 35.29 -17.57
N GLN C 191 8.71 35.08 -18.21
CA GLN C 191 8.11 36.14 -19.00
C GLN C 191 7.54 37.20 -18.07
N TRP C 192 7.76 38.46 -18.43
CA TRP C 192 7.32 39.57 -17.59
C TRP C 192 5.81 39.72 -17.66
N ILE C 193 5.14 39.59 -16.52
CA ILE C 193 3.71 39.83 -16.41
C ILE C 193 3.49 41.29 -16.05
N SER C 194 2.72 42.00 -16.86
CA SER C 194 2.51 43.43 -16.70
C SER C 194 1.14 43.66 -16.09
N GLY C 195 1.11 44.18 -14.87
CA GLY C 195 -0.13 44.50 -14.20
C GLY C 195 0.01 44.54 -12.69
N PRO C 196 -1.11 44.44 -11.98
CA PRO C 196 -1.07 44.53 -10.52
C PRO C 196 -0.36 43.33 -9.90
N GLU C 197 0.36 43.61 -8.81
CA GLU C 197 0.99 42.57 -8.00
C GLU C 197 0.20 42.38 -6.70
N PHE C 198 -0.04 41.13 -6.36
CA PHE C 198 -0.74 40.77 -5.13
C PHE C 198 0.09 39.76 -4.35
N THR C 199 -0.05 39.81 -3.03
CA THR C 199 0.48 38.78 -2.16
C THR C 199 -0.64 38.28 -1.26
N VAL C 200 -0.63 36.98 -0.99
CA VAL C 200 -1.73 36.30 -0.31
C VAL C 200 -1.13 35.46 0.80
N ALA C 201 -1.32 35.88 2.05
CA ALA C 201 -0.86 35.10 3.19
C ALA C 201 -1.86 34.00 3.52
N THR C 202 -1.32 32.87 3.98
CA THR C 202 -2.15 31.78 4.50
C THR C 202 -1.71 31.48 5.93
N LEU C 203 -2.68 31.09 6.76
CA LEU C 203 -2.44 30.91 8.18
C LEU C 203 -3.34 29.80 8.70
N ARG C 204 -2.72 28.74 9.22
CA ARG C 204 -3.43 27.59 9.79
C ARG C 204 -4.50 27.06 8.84
N GLY C 205 -4.22 27.11 7.53
CA GLY C 205 -5.14 26.65 6.53
C GLY C 205 -6.08 27.71 6.00
N GLN C 206 -6.11 28.89 6.60
CA GLN C 206 -7.02 29.95 6.18
C GLN C 206 -6.29 30.98 5.33
N VAL C 207 -6.95 31.41 4.25
CA VAL C 207 -6.40 32.42 3.36
C VAL C 207 -6.77 33.80 3.90
N LEU C 208 -5.77 34.64 4.09
CA LEU C 208 -5.94 35.97 4.66
C LEU C 208 -6.27 36.97 3.57
N PRO C 209 -6.72 38.18 3.94
CA PRO C 209 -7.03 39.20 2.92
C PRO C 209 -5.81 39.55 2.06
N ALA C 210 -6.03 39.59 0.75
CA ALA C 210 -4.95 39.87 -0.19
C ALA C 210 -4.47 41.31 -0.06
N ILE C 211 -3.19 41.51 -0.36
CA ILE C 211 -2.56 42.82 -0.33
C ILE C 211 -2.08 43.17 -1.73
N ARG C 212 -2.37 44.39 -2.18
CA ARG C 212 -1.88 44.91 -3.44
C ARG C 212 -0.60 45.70 -3.20
N LEU C 213 0.40 45.47 -4.06
CA LEU C 213 1.72 46.06 -3.92
C LEU C 213 2.03 46.99 -5.08
N GLY C 214 2.72 48.09 -4.78
CA GLY C 214 3.17 49.02 -5.80
C GLY C 214 4.45 49.73 -5.41
N THR C 215 5.37 49.89 -6.36
CA THR C 215 6.61 50.61 -6.13
C THR C 215 6.98 51.38 -7.39
N PRO C 216 7.54 52.58 -7.24
CA PRO C 216 8.10 53.26 -8.42
C PRO C 216 9.28 52.54 -9.02
N HIS C 217 9.92 51.63 -8.29
CA HIS C 217 11.04 50.86 -8.81
C HIS C 217 10.57 49.92 -9.91
N THR C 218 11.54 49.39 -10.67
CA THR C 218 11.22 48.53 -11.81
C THR C 218 10.42 47.30 -11.40
N PHE C 219 10.67 46.77 -10.20
CA PHE C 219 9.84 45.73 -9.62
C PHE C 219 10.01 45.78 -8.11
N TYR C 220 9.30 44.88 -7.42
CA TYR C 220 9.36 44.79 -5.96
C TYR C 220 10.69 44.16 -5.56
N ASP C 221 11.74 44.97 -5.54
CA ASP C 221 13.09 44.50 -5.30
C ASP C 221 13.47 44.65 -3.83
N TYR C 222 14.75 44.37 -3.52
CA TYR C 222 15.23 44.46 -2.14
C TYR C 222 15.00 45.85 -1.57
N ASP C 223 15.49 46.88 -2.27
CA ASP C 223 15.36 48.25 -1.78
C ASP C 223 13.90 48.62 -1.53
N ALA C 224 13.00 48.22 -2.44
CA ALA C 224 11.58 48.50 -2.24
C ALA C 224 11.01 47.77 -1.03
N LYS C 225 11.60 46.64 -0.66
CA LYS C 225 11.00 45.80 0.38
C LYS C 225 11.42 46.26 1.78
N TYR C 226 12.68 46.63 1.97
CA TYR C 226 13.20 46.89 3.30
C TYR C 226 13.90 48.22 3.48
N LEU C 227 14.27 48.91 2.40
CA LEU C 227 15.02 50.16 2.51
C LEU C 227 14.22 51.39 2.08
N ALA C 228 13.44 51.29 1.01
CA ALA C 228 12.71 52.44 0.50
C ALA C 228 11.56 52.81 1.42
N SER C 229 10.97 53.97 1.13
CA SER C 229 9.82 54.47 1.87
C SER C 229 8.62 54.78 0.98
N ASP C 230 8.79 54.75 -0.35
CA ASP C 230 7.73 55.08 -1.29
C ASP C 230 6.99 53.85 -1.81
N THR C 231 7.01 52.75 -1.05
CA THR C 231 6.30 51.54 -1.45
C THR C 231 4.86 51.63 -1.00
N ARG C 232 3.94 51.20 -1.88
CA ARG C 232 2.51 51.35 -1.67
C ARG C 232 1.90 50.00 -1.34
N TYR C 233 1.23 49.93 -0.19
CA TYR C 233 0.49 48.73 0.24
C TYR C 233 -0.98 49.08 0.38
N GLN C 234 -1.83 48.31 -0.29
CA GLN C 234 -3.27 48.59 -0.34
C GLN C 234 -4.02 47.41 0.27
N VAL C 235 -4.57 47.61 1.47
CA VAL C 235 -5.47 46.65 2.09
C VAL C 235 -6.74 47.41 2.48
N PRO C 236 -7.91 47.06 1.94
CA PRO C 236 -8.18 45.95 1.02
C PRO C 236 -7.57 46.17 -0.37
N CYS C 237 -7.16 45.10 -1.05
CA CYS C 237 -6.84 45.21 -2.45
C CYS C 237 -8.09 45.60 -3.23
N GLY C 238 -7.90 46.35 -4.31
CA GLY C 238 -9.04 46.89 -5.03
C GLY C 238 -9.85 45.89 -5.83
N LEU C 239 -9.64 44.59 -5.60
CA LEU C 239 -10.37 43.59 -6.34
C LEU C 239 -11.82 43.51 -5.87
N ASP C 240 -12.70 43.14 -6.81
CA ASP C 240 -14.10 42.90 -6.45
C ASP C 240 -14.23 41.56 -5.75
N GLU C 241 -15.46 41.24 -5.34
CA GLU C 241 -15.69 40.04 -4.52
C GLU C 241 -15.33 38.79 -5.29
N ALA C 242 -15.90 38.60 -6.48
CA ALA C 242 -15.66 37.37 -7.23
C ALA C 242 -14.19 37.23 -7.63
N LYS C 243 -13.47 38.34 -7.75
CA LYS C 243 -12.06 38.28 -8.13
C LYS C 243 -11.18 37.92 -6.95
N GLU C 244 -11.43 38.55 -5.80
CA GLU C 244 -10.66 38.24 -4.61
C GLU C 244 -10.93 36.81 -4.14
N ARG C 245 -12.15 36.31 -4.34
CA ARG C 245 -12.42 34.90 -4.08
C ARG C 245 -11.66 34.01 -5.08
N GLU C 246 -11.59 34.43 -6.34
CA GLU C 246 -10.82 33.67 -7.32
C GLU C 246 -9.35 33.63 -6.93
N LEU C 247 -8.79 34.77 -6.52
CA LEU C 247 -7.40 34.81 -6.08
C LEU C 247 -7.19 33.97 -4.82
N LYS C 248 -8.14 34.02 -3.89
CA LYS C 248 -7.99 33.27 -2.65
C LYS C 248 -8.06 31.76 -2.91
N GLU C 249 -9.03 31.32 -3.72
CA GLU C 249 -9.13 29.90 -4.06
C GLU C 249 -7.90 29.43 -4.82
N LEU C 250 -7.30 30.30 -5.66
CA LEU C 250 -6.10 29.92 -6.38
C LEU C 250 -4.92 29.77 -5.42
N THR C 251 -4.79 30.68 -4.46
CA THR C 251 -3.72 30.58 -3.46
C THR C 251 -3.82 29.27 -2.69
N ALA C 252 -5.05 28.85 -2.35
CA ALA C 252 -5.22 27.62 -1.58
C ALA C 252 -4.81 26.41 -2.41
N ARG C 253 -5.12 26.41 -3.71
CA ARG C 253 -4.73 25.28 -4.55
C ARG C 253 -3.22 25.24 -4.75
N ALA C 254 -2.58 26.41 -4.89
CA ALA C 254 -1.14 26.44 -5.11
C ALA C 254 -0.38 26.02 -3.87
N CYS C 255 -0.87 26.41 -2.68
CA CYS C 255 -0.20 26.01 -1.45
C CYS C 255 -0.45 24.54 -1.16
N ASP C 256 -1.70 24.08 -1.31
CA ASP C 256 -2.01 22.68 -1.07
C ASP C 256 -1.20 21.76 -1.97
N ALA C 257 -0.94 22.21 -3.21
CA ALA C 257 -0.17 21.40 -4.14
C ALA C 257 1.27 21.20 -3.69
N LEU C 258 1.78 22.08 -2.82
CA LEU C 258 3.13 21.95 -2.32
C LEU C 258 3.19 21.31 -0.94
N GLY C 259 2.05 21.12 -0.29
CA GLY C 259 2.04 20.59 1.07
C GLY C 259 2.25 21.62 2.15
N ILE C 260 1.98 22.90 1.85
CA ILE C 260 2.23 23.97 2.81
C ILE C 260 1.40 23.76 4.08
N GLN C 261 2.03 24.01 5.23
CA GLN C 261 1.42 23.76 6.52
C GLN C 261 1.69 24.93 7.44
N GLY C 262 0.71 25.26 8.28
CA GLY C 262 0.90 26.26 9.31
C GLY C 262 0.71 27.69 8.83
N TRP C 263 1.62 28.17 7.99
CA TRP C 263 1.49 29.51 7.43
C TRP C 263 2.41 29.61 6.20
N GLY C 264 2.23 30.70 5.47
CA GLY C 264 3.00 30.95 4.27
C GLY C 264 2.46 32.16 3.55
N ARG C 265 3.17 32.56 2.50
CA ARG C 265 2.76 33.71 1.72
C ARG C 265 3.01 33.45 0.24
N ALA C 266 1.96 33.67 -0.57
CA ALA C 266 2.02 33.47 -2.01
C ALA C 266 2.14 34.83 -2.71
N ASP C 267 2.95 34.88 -3.76
CA ASP C 267 3.15 36.08 -4.58
C ASP C 267 2.53 35.84 -5.95
N VAL C 268 1.60 36.71 -6.35
CA VAL C 268 0.77 36.50 -7.53
C VAL C 268 0.70 37.79 -8.34
N MET C 269 0.96 37.69 -9.64
CA MET C 269 0.79 38.80 -10.58
C MET C 269 -0.54 38.64 -11.33
N GLN C 270 -1.04 39.77 -11.84
CA GLN C 270 -2.22 39.80 -12.71
C GLN C 270 -1.89 40.62 -13.95
N ASP C 271 -2.34 40.17 -15.11
CA ASP C 271 -2.01 40.83 -16.36
C ASP C 271 -3.18 41.69 -16.83
N ALA C 272 -2.98 42.34 -17.99
CA ALA C 272 -3.96 43.29 -18.50
C ALA C 272 -5.31 42.64 -18.81
N GLU C 273 -5.38 41.32 -18.89
CA GLU C 273 -6.65 40.64 -19.14
C GLU C 273 -7.25 40.02 -17.89
N GLY C 274 -6.69 40.30 -16.72
CA GLY C 274 -7.25 39.86 -15.46
C GLY C 274 -6.86 38.47 -15.02
N ARG C 275 -6.01 37.77 -15.76
CA ARG C 275 -5.59 36.43 -15.37
C ARG C 275 -4.49 36.51 -14.31
N PHE C 276 -4.58 35.62 -13.33
CA PHE C 276 -3.60 35.55 -12.26
C PHE C 276 -2.47 34.59 -12.62
N TRP C 277 -1.26 34.90 -12.15
CA TRP C 277 -0.07 34.12 -12.42
C TRP C 277 0.71 33.93 -11.12
N LEU C 278 0.94 32.67 -10.74
CA LEU C 278 1.63 32.36 -9.49
C LEU C 278 3.13 32.48 -9.67
N LEU C 279 3.78 33.23 -8.77
CA LEU C 279 5.23 33.40 -8.83
C LEU C 279 5.94 32.41 -7.91
N GLU C 280 5.67 32.50 -6.61
CA GLU C 280 6.39 31.71 -5.63
C GLU C 280 5.52 31.56 -4.39
N VAL C 281 5.96 30.67 -3.49
CA VAL C 281 5.39 30.54 -2.16
C VAL C 281 6.55 30.56 -1.17
N ASN C 282 6.43 31.41 -0.15
CA ASN C 282 7.42 31.49 0.92
C ASN C 282 6.86 30.79 2.16
N THR C 283 7.67 29.89 2.74
CA THR C 283 7.21 29.08 3.86
C THR C 283 7.65 29.59 5.22
N ALA C 284 8.60 30.51 5.27
CA ALA C 284 8.93 31.24 6.51
C ALA C 284 8.97 32.73 6.17
N PRO C 285 7.79 33.35 6.00
CA PRO C 285 7.76 34.73 5.52
C PRO C 285 8.32 35.70 6.56
N GLY C 286 8.71 36.87 6.07
CA GLY C 286 9.30 37.88 6.93
C GLY C 286 8.33 38.37 7.99
N MET C 287 8.90 38.85 9.08
CA MET C 287 8.12 39.35 10.21
C MET C 287 8.62 40.71 10.69
N THR C 288 9.29 41.48 9.84
CA THR C 288 9.82 42.78 10.21
C THR C 288 8.72 43.82 10.35
N ASP C 289 9.12 45.10 10.38
CA ASP C 289 8.13 46.18 10.36
C ASP C 289 7.53 46.32 8.97
N HIS C 290 8.37 46.31 7.93
CA HIS C 290 7.93 46.40 6.53
C HIS C 290 7.19 45.17 6.04
N SER C 291 7.06 44.12 6.86
CA SER C 291 6.65 42.81 6.37
C SER C 291 5.15 42.73 6.12
N LEU C 292 4.78 41.79 5.26
CA LEU C 292 3.43 41.73 4.67
C LEU C 292 2.51 40.77 5.40
N VAL C 293 3.01 39.61 5.83
CA VAL C 293 2.18 38.70 6.62
C VAL C 293 1.66 39.37 7.88
N PRO C 294 2.45 40.14 8.64
CA PRO C 294 1.84 40.92 9.73
C PRO C 294 0.77 41.89 9.24
N MET C 295 0.98 42.51 8.08
CA MET C 295 0.01 43.47 7.56
C MET C 295 -1.30 42.79 7.19
N ALA C 296 -1.22 41.64 6.50
CA ALA C 296 -2.44 40.91 6.17
C ALA C 296 -3.09 40.33 7.42
N ALA C 297 -2.30 40.08 8.47
CA ALA C 297 -2.86 39.61 9.73
C ALA C 297 -3.69 40.70 10.40
N ARG C 298 -3.17 41.94 10.43
CA ARG C 298 -3.93 43.05 10.97
C ARG C 298 -5.25 43.21 10.25
N ALA C 299 -5.23 43.09 8.91
CA ALA C 299 -6.47 43.17 8.14
C ALA C 299 -7.42 42.04 8.53
N ALA C 300 -6.89 40.84 8.77
CA ALA C 300 -7.73 39.74 9.22
C ALA C 300 -8.31 40.01 10.60
N GLY C 301 -7.58 40.74 11.45
CA GLY C 301 -8.06 41.09 12.77
C GLY C 301 -7.17 40.63 13.90
N LEU C 302 -5.91 40.29 13.59
CA LEU C 302 -4.95 39.84 14.58
C LEU C 302 -3.77 40.81 14.63
N ASP C 303 -3.34 41.14 15.84
CA ASP C 303 -2.12 41.92 16.00
C ASP C 303 -0.90 41.01 15.91
N PHE C 304 0.29 41.60 15.97
CA PHE C 304 1.52 40.84 15.82
C PHE C 304 1.71 39.81 16.91
N GLN C 305 1.07 40.01 18.07
CA GLN C 305 1.19 39.05 19.16
C GLN C 305 0.30 37.83 18.95
N GLN C 306 -0.94 38.04 18.49
CA GLN C 306 -1.82 36.90 18.19
C GLN C 306 -1.35 36.14 16.97
N LEU C 307 -0.64 36.81 16.05
CA LEU C 307 -0.18 36.14 14.83
C LEU C 307 0.87 35.09 15.15
N VAL C 308 1.86 35.45 15.97
CA VAL C 308 2.92 34.51 16.31
C VAL C 308 2.38 33.39 17.19
N LEU C 309 1.47 33.71 18.12
CA LEU C 309 0.89 32.69 18.97
C LEU C 309 0.06 31.69 18.16
N ALA C 310 -0.61 32.16 17.11
CA ALA C 310 -1.35 31.26 16.25
C ALA C 310 -0.42 30.34 15.47
N ILE C 311 0.71 30.87 15.00
CA ILE C 311 1.72 30.04 14.33
C ILE C 311 2.27 29.01 15.30
N LEU C 312 2.59 29.45 16.52
CA LEU C 312 3.10 28.55 17.55
C LEU C 312 2.08 27.47 17.88
N ALA C 313 0.82 27.86 18.09
CA ALA C 313 -0.21 26.90 18.47
C ALA C 313 -0.47 25.87 17.38
N ASP C 314 -0.26 26.25 16.12
CA ASP C 314 -0.47 25.29 15.03
C ASP C 314 0.59 24.19 15.04
N SER C 315 1.80 24.49 15.53
CA SER C 315 2.85 23.50 15.57
C SER C 315 2.52 22.33 16.49
N ARG C 316 1.49 22.44 17.33
CA ARG C 316 1.11 21.36 18.22
C ARG C 316 0.43 20.19 17.51
N GLU C 317 0.34 20.22 16.18
CA GLU C 317 -0.17 19.06 15.43
C GLU C 317 0.71 18.77 14.23
#